data_8RJ1
#
_entry.id   8RJ1
#
_cell.length_a   164.182
_cell.length_b   164.182
_cell.length_c   86.819
_cell.angle_alpha   90.00
_cell.angle_beta   90.00
_cell.angle_gamma   120.00
#
_symmetry.space_group_name_H-M   'P 32 2 1'
#
_entity_poly.entity_id   1
_entity_poly.type   'polypeptide(L)'
_entity_poly.pdbx_seq_one_letter_code
;MQQEQSYRIEKDFLGEKKIPADAYYGIQTLRATENFPITGYRIHEELIRALAMVKKAAALANMETKRLPAHIGEAIVAAC
DEIIAGQWHDQFIVDPIQGGAGTSINMNANEVIANRALEIMGKKKGDYFHVRPNSDVNMSQSTNDAFPTAVHIAVLTLLD
HLLETMERMRDAFAEKAKAFDPYIKMGRIHLQDAVPIRLGQEFEAYTRVIERDIQRIKQSRGHLYEINMGATAVGTGLNA
DPRYIESVVKHLREISGYPLVGAENLVDATQNTDAYTEVSAALKVCMMNMSKIANDLRLMASGPRAGLGEITLPARQPGS
SIIPGMVCPVMAEVINQIAFQVIGNDHTICLASEAGQLELNVMEPVLVFNLLQSISIMNNGFRVFTEYCVKGIEANEEKM
KEYVEKSVGVITAVNPHIGYEVASRIAREATLTGQSVRDLCRKYDVLSDEELDLILDPYEMTHPGIAGASLLERD
;
_entity_poly.pdbx_strand_id   A,B
#
# COMPACT_ATOMS: atom_id res chain seq x y z
N TYR A 7 -2.86 -17.69 32.91
CA TYR A 7 -3.50 -16.47 32.35
C TYR A 7 -3.55 -15.39 33.43
N ARG A 8 -2.59 -14.46 33.40
CA ARG A 8 -2.54 -13.41 34.41
C ARG A 8 -3.66 -12.39 34.17
N ILE A 9 -4.09 -11.68 35.22
CA ILE A 9 -5.14 -10.67 35.12
C ILE A 9 -4.55 -9.27 35.34
N GLU A 10 -4.94 -8.30 34.48
CA GLU A 10 -4.51 -6.91 34.58
C GLU A 10 -5.72 -5.98 34.45
N LYS A 11 -5.53 -4.69 34.79
CA LYS A 11 -6.60 -3.73 34.83
C LYS A 11 -6.10 -2.31 34.51
N ASP A 12 -6.99 -1.49 33.93
CA ASP A 12 -6.81 -0.04 33.79
C ASP A 12 -8.20 0.61 33.86
N PHE A 13 -8.28 1.95 33.75
CA PHE A 13 -9.50 2.64 34.18
C PHE A 13 -10.71 2.21 33.34
N LEU A 14 -10.54 1.37 32.32
CA LEU A 14 -11.68 0.85 31.55
C LEU A 14 -12.19 -0.44 32.18
N GLY A 15 -11.29 -1.28 32.71
CA GLY A 15 -11.70 -2.54 33.35
C GLY A 15 -10.57 -3.57 33.37
N GLU A 16 -10.96 -4.85 33.33
CA GLU A 16 -10.04 -5.96 33.56
C GLU A 16 -9.88 -6.82 32.32
N LYS A 17 -8.71 -7.45 32.15
CA LYS A 17 -8.48 -8.35 31.02
C LYS A 17 -7.59 -9.52 31.43
N LYS A 18 -7.82 -10.66 30.78
CA LYS A 18 -6.99 -11.86 30.93
C LYS A 18 -5.83 -11.80 29.94
N ILE A 19 -4.61 -11.69 30.47
CA ILE A 19 -3.40 -11.73 29.66
C ILE A 19 -2.84 -13.13 29.76
N PRO A 20 -2.47 -13.80 28.65
CA PRO A 20 -1.63 -15.01 28.76
C PRO A 20 -0.43 -14.69 29.64
N ALA A 21 0.05 -15.68 30.39
CA ALA A 21 1.15 -15.46 31.34
C ALA A 21 2.48 -15.47 30.61
N ASP A 22 2.53 -16.13 29.45
CA ASP A 22 3.69 -16.11 28.59
C ASP A 22 4.00 -14.70 28.10
N ALA A 23 2.92 -13.91 27.94
CA ALA A 23 2.98 -12.63 27.24
C ALA A 23 3.69 -11.57 28.06
N TYR A 24 4.67 -10.91 27.41
CA TYR A 24 5.36 -9.76 27.95
C TYR A 24 4.54 -8.50 27.72
N TYR A 25 3.54 -8.58 26.84
CA TYR A 25 2.70 -7.46 26.52
C TYR A 25 1.56 -7.34 27.53
N GLY A 26 1.03 -6.13 27.70
CA GLY A 26 0.10 -5.85 28.78
C GLY A 26 -1.34 -5.69 28.29
N ILE A 27 -2.14 -4.89 29.02
CA ILE A 27 -3.57 -4.75 28.74
C ILE A 27 -3.76 -3.73 27.61
N GLN A 28 -3.04 -2.61 27.69
CA GLN A 28 -3.25 -1.55 26.72
C GLN A 28 -2.93 -2.09 25.31
N THR A 29 -1.99 -3.04 25.22
CA THR A 29 -1.70 -3.71 23.97
C THR A 29 -2.84 -4.67 23.61
N LEU A 30 -3.41 -5.33 24.61
CA LEU A 30 -4.48 -6.28 24.35
C LEU A 30 -5.69 -5.52 23.81
N ARG A 31 -5.96 -4.36 24.39
CA ARG A 31 -7.09 -3.56 23.96
C ARG A 31 -6.95 -3.24 22.47
N ALA A 32 -5.73 -2.87 22.07
CA ALA A 32 -5.47 -2.36 20.73
C ALA A 32 -5.53 -3.50 19.72
N THR A 33 -5.11 -4.70 20.13
CA THR A 33 -5.21 -5.86 19.27
C THR A 33 -6.68 -6.22 19.07
N GLU A 34 -7.55 -5.89 20.03
CA GLU A 34 -8.98 -6.11 19.87
C GLU A 34 -9.58 -4.95 19.07
N ASN A 35 -9.11 -3.73 19.35
CA ASN A 35 -9.69 -2.51 18.81
C ASN A 35 -9.38 -2.40 17.32
N PHE A 36 -8.19 -2.85 16.91
CA PHE A 36 -7.68 -2.59 15.58
C PHE A 36 -7.16 -3.88 14.95
N PRO A 37 -8.06 -4.86 14.72
CA PRO A 37 -7.69 -6.08 13.99
C PRO A 37 -7.81 -5.88 12.48
N ILE A 38 -6.93 -5.04 11.91
CA ILE A 38 -7.19 -4.47 10.60
C ILE A 38 -6.45 -5.23 9.52
N THR A 39 -5.12 -5.18 9.50
CA THR A 39 -4.32 -5.86 8.50
C THR A 39 -3.77 -7.14 9.08
N GLY A 40 -3.63 -7.15 10.40
CA GLY A 40 -2.89 -8.15 11.13
C GLY A 40 -1.44 -8.25 10.64
N TYR A 41 -0.87 -7.18 10.11
CA TYR A 41 0.57 -7.15 9.91
C TYR A 41 1.21 -6.81 11.25
N ARG A 42 2.54 -6.84 11.29
CA ARG A 42 3.25 -6.37 12.47
C ARG A 42 4.05 -5.13 12.08
N ILE A 43 4.26 -4.25 13.06
CA ILE A 43 4.94 -3.00 12.82
C ILE A 43 6.36 -3.31 12.37
N HIS A 44 6.94 -2.42 11.55
CA HIS A 44 8.19 -2.74 10.92
C HIS A 44 9.22 -3.09 11.99
N GLU A 45 10.16 -3.97 11.63
CA GLU A 45 11.14 -4.49 12.58
C GLU A 45 12.03 -3.34 13.01
N GLU A 46 12.28 -2.44 12.09
CA GLU A 46 13.26 -1.40 12.28
C GLU A 46 12.66 -0.32 13.18
N LEU A 47 11.33 -0.23 13.25
CA LEU A 47 10.67 0.65 14.18
C LEU A 47 10.78 0.08 15.60
N ILE A 48 10.61 -1.24 15.74
CA ILE A 48 10.72 -1.86 17.04
C ILE A 48 12.11 -1.56 17.60
N ARG A 49 13.15 -1.83 16.79
CA ARG A 49 14.53 -1.50 17.16
C ARG A 49 14.63 -0.05 17.63
N ALA A 50 14.03 0.86 16.86
CA ALA A 50 14.16 2.26 17.14
C ALA A 50 13.46 2.59 18.46
N LEU A 51 12.27 2.02 18.64
CA LEU A 51 11.47 2.26 19.83
C LEU A 51 12.29 1.93 21.06
N ALA A 52 13.02 0.81 21.00
CA ALA A 52 13.90 0.35 22.06
C ALA A 52 15.06 1.31 22.27
N MET A 53 15.67 1.80 21.19
CA MET A 53 16.74 2.78 21.28
C MET A 53 16.28 4.00 22.06
N VAL A 54 15.02 4.41 21.85
CA VAL A 54 14.52 5.63 22.45
C VAL A 54 14.29 5.43 23.93
N LYS A 55 13.60 4.35 24.30
CA LYS A 55 13.23 4.10 25.69
C LYS A 55 14.48 3.94 26.54
N LYS A 56 15.54 3.40 25.91
CA LYS A 56 16.87 3.25 26.50
C LYS A 56 17.49 4.63 26.76
N ALA A 57 17.68 5.44 25.71
CA ALA A 57 18.17 6.80 25.88
C ALA A 57 17.34 7.52 26.95
N ALA A 58 16.05 7.21 27.04
CA ALA A 58 15.15 7.87 27.96
C ALA A 58 15.44 7.43 29.40
N ALA A 59 15.51 6.11 29.60
CA ALA A 59 15.96 5.59 30.87
C ALA A 59 17.31 6.20 31.24
N LEU A 60 18.32 6.03 30.38
CA LEU A 60 19.67 6.54 30.65
C LEU A 60 19.61 7.98 31.11
N ALA A 61 18.81 8.80 30.41
CA ALA A 61 18.74 10.21 30.73
C ALA A 61 18.05 10.46 32.07
N ASN A 62 17.05 9.63 32.40
CA ASN A 62 16.29 9.80 33.63
C ASN A 62 17.10 9.35 34.84
N MET A 63 18.09 8.47 34.63
CA MET A 63 19.03 8.10 35.69
C MET A 63 20.04 9.25 35.86
N GLU A 64 20.61 9.73 34.76
CA GLU A 64 21.58 10.82 34.78
C GLU A 64 21.05 12.07 35.48
N THR A 65 19.72 12.28 35.48
CA THR A 65 19.14 13.42 36.14
C THR A 65 18.50 12.99 37.46
N LYS A 66 18.92 11.82 37.95
CA LYS A 66 18.67 11.42 39.33
C LYS A 66 17.17 11.38 39.60
N ARG A 67 16.33 11.05 38.61
CA ARG A 67 14.89 10.99 38.83
C ARG A 67 14.35 9.57 38.62
N LEU A 68 15.04 8.76 37.80
CA LEU A 68 14.72 7.34 37.73
C LEU A 68 15.73 6.57 38.55
N PRO A 69 15.30 5.73 39.52
CA PRO A 69 16.20 4.83 40.25
C PRO A 69 17.04 3.92 39.35
N ALA A 70 18.35 3.89 39.58
CA ALA A 70 19.26 3.10 38.75
C ALA A 70 18.90 1.62 38.77
N HIS A 71 18.29 1.12 39.85
CA HIS A 71 17.92 -0.28 39.89
C HIS A 71 16.85 -0.59 38.83
N ILE A 72 15.95 0.35 38.48
CA ILE A 72 14.89 0.07 37.52
C ILE A 72 15.42 0.37 36.13
N GLY A 73 16.05 1.54 35.99
CA GLY A 73 16.57 2.01 34.72
C GLY A 73 17.50 1.01 34.03
N GLU A 74 18.39 0.37 34.80
CA GLU A 74 19.37 -0.54 34.23
C GLU A 74 18.66 -1.80 33.73
N ALA A 75 17.57 -2.19 34.41
CA ALA A 75 16.78 -3.35 33.99
C ALA A 75 16.08 -3.06 32.67
N ILE A 76 15.57 -1.82 32.57
CA ILE A 76 14.97 -1.30 31.35
C ILE A 76 16.01 -1.30 30.24
N VAL A 77 17.13 -0.60 30.49
CA VAL A 77 18.22 -0.52 29.52
C VAL A 77 18.60 -1.91 29.06
N ALA A 78 18.63 -2.87 29.99
CA ALA A 78 19.00 -4.23 29.65
C ALA A 78 17.99 -4.81 28.67
N ALA A 79 16.71 -4.55 28.93
CA ALA A 79 15.64 -5.13 28.15
C ALA A 79 15.61 -4.48 26.77
N CYS A 80 15.77 -3.15 26.74
CA CYS A 80 15.90 -2.43 25.49
C CYS A 80 16.99 -3.07 24.62
N ASP A 81 18.17 -3.24 25.23
CA ASP A 81 19.34 -3.68 24.51
C ASP A 81 19.07 -5.00 23.82
N GLU A 82 18.21 -5.84 24.42
CA GLU A 82 17.86 -7.13 23.89
C GLU A 82 16.93 -6.98 22.68
N ILE A 83 15.95 -6.08 22.80
CA ILE A 83 15.03 -5.80 21.72
C ILE A 83 15.82 -5.22 20.55
N ILE A 84 16.78 -4.32 20.85
CA ILE A 84 17.70 -3.79 19.85
C ILE A 84 18.44 -4.93 19.13
N ALA A 85 18.88 -5.91 19.94
CA ALA A 85 19.64 -7.04 19.48
C ALA A 85 18.75 -7.99 18.70
N GLY A 86 17.45 -7.91 18.94
CA GLY A 86 16.44 -8.50 18.06
C GLY A 86 15.65 -9.59 18.78
N GLN A 87 15.51 -9.47 20.10
CA GLN A 87 14.94 -10.54 20.88
C GLN A 87 13.42 -10.46 20.75
N TRP A 88 12.81 -9.46 21.37
CA TRP A 88 11.44 -9.68 21.82
C TRP A 88 10.39 -9.22 20.81
N HIS A 89 10.72 -9.33 19.51
CA HIS A 89 9.92 -8.73 18.48
C HIS A 89 8.56 -9.42 18.44
N ASP A 90 8.53 -10.75 18.73
CA ASP A 90 7.31 -11.54 18.67
C ASP A 90 6.20 -10.88 19.48
N GLN A 91 6.59 -10.18 20.55
CA GLN A 91 5.67 -9.60 21.52
C GLN A 91 4.95 -8.37 20.95
N PHE A 92 5.63 -7.60 20.09
CA PHE A 92 5.00 -6.48 19.41
C PHE A 92 3.90 -7.03 18.52
N ILE A 93 2.63 -6.70 18.83
CA ILE A 93 1.50 -7.37 18.21
C ILE A 93 0.41 -6.37 17.82
N VAL A 94 0.63 -5.06 17.98
CA VAL A 94 -0.37 -4.10 17.58
C VAL A 94 -0.26 -3.90 16.07
N ASP A 95 -1.37 -3.47 15.47
CA ASP A 95 -1.55 -3.41 14.03
C ASP A 95 -1.04 -2.08 13.50
N PRO A 96 -0.26 -2.04 12.40
CA PRO A 96 0.33 -0.79 11.90
C PRO A 96 -0.73 0.28 11.63
N ILE A 97 -1.87 -0.18 11.12
CA ILE A 97 -3.06 0.64 10.96
C ILE A 97 -3.90 0.53 12.23
N GLN A 98 -3.89 1.62 13.01
CA GLN A 98 -4.51 1.65 14.31
C GLN A 98 -4.94 3.08 14.64
N GLY A 99 -6.03 3.19 15.40
CA GLY A 99 -6.40 4.43 16.04
C GLY A 99 -5.42 4.85 17.14
N GLY A 100 -5.62 6.06 17.64
CA GLY A 100 -4.96 6.53 18.84
C GLY A 100 -3.59 7.15 18.56
N ALA A 101 -3.30 7.45 17.29
CA ALA A 101 -2.18 8.33 16.96
C ALA A 101 -0.83 7.67 17.25
N GLY A 102 -0.84 6.36 17.48
CA GLY A 102 0.38 5.64 17.75
C GLY A 102 0.66 5.52 19.24
N THR A 103 -0.40 5.61 20.06
CA THR A 103 -0.27 5.40 21.49
C THR A 103 -0.17 3.90 21.74
N SER A 104 -0.97 3.13 21.01
CA SER A 104 -0.95 1.69 21.18
C SER A 104 0.39 1.10 20.75
N ILE A 105 1.19 1.80 19.94
CA ILE A 105 2.54 1.33 19.64
C ILE A 105 3.45 1.64 20.82
N ASN A 106 3.47 2.92 21.22
CA ASN A 106 4.21 3.36 22.39
C ASN A 106 3.96 2.41 23.56
N MET A 107 2.69 2.08 23.83
CA MET A 107 2.35 1.25 24.98
C MET A 107 2.80 -0.21 24.80
N ASN A 108 2.92 -0.67 23.56
CA ASN A 108 3.32 -2.04 23.30
C ASN A 108 4.82 -2.13 23.59
N ALA A 109 5.57 -1.05 23.36
CA ALA A 109 6.97 -1.00 23.76
C ALA A 109 7.10 -0.89 25.28
N ASN A 110 6.23 -0.09 25.90
CA ASN A 110 6.30 0.16 27.33
C ASN A 110 6.01 -1.11 28.12
N GLU A 111 4.91 -1.80 27.77
CA GLU A 111 4.47 -3.00 28.46
C GLU A 111 5.42 -4.19 28.24
N VAL A 112 6.11 -4.27 27.10
CA VAL A 112 7.05 -5.36 26.88
C VAL A 112 8.37 -5.05 27.58
N ILE A 113 8.91 -3.84 27.41
CA ILE A 113 10.18 -3.51 28.04
C ILE A 113 10.05 -3.67 29.57
N ALA A 114 8.89 -3.32 30.13
CA ALA A 114 8.68 -3.42 31.58
C ALA A 114 8.70 -4.88 32.03
N ASN A 115 7.85 -5.72 31.45
CA ASN A 115 7.71 -7.11 31.85
C ASN A 115 9.01 -7.89 31.65
N ARG A 116 9.90 -7.39 30.81
CA ARG A 116 11.15 -8.09 30.55
C ARG A 116 12.26 -7.46 31.38
N ALA A 117 12.10 -6.19 31.79
CA ALA A 117 12.98 -5.61 32.79
C ALA A 117 12.68 -6.26 34.14
N LEU A 118 11.41 -6.62 34.39
CA LEU A 118 11.00 -7.38 35.56
C LEU A 118 11.78 -8.70 35.60
N GLU A 119 11.53 -9.61 34.64
CA GLU A 119 12.27 -10.85 34.54
C GLU A 119 13.75 -10.64 34.92
N ILE A 120 14.36 -9.56 34.43
CA ILE A 120 15.80 -9.35 34.54
C ILE A 120 16.17 -8.88 35.94
N MET A 121 15.19 -8.34 36.70
CA MET A 121 15.41 -8.05 38.10
C MET A 121 14.74 -9.13 38.95
N GLY A 122 14.62 -10.33 38.38
CA GLY A 122 14.22 -11.50 39.14
C GLY A 122 12.71 -11.59 39.40
N LYS A 123 11.96 -10.51 39.17
CA LYS A 123 10.52 -10.48 39.43
C LYS A 123 9.78 -11.31 38.38
N LYS A 124 8.45 -11.30 38.46
CA LYS A 124 7.61 -11.95 37.46
C LYS A 124 6.89 -10.89 36.67
N LYS A 125 6.45 -11.27 35.47
CA LYS A 125 5.71 -10.37 34.60
C LYS A 125 4.41 -9.99 35.29
N GLY A 126 3.95 -8.77 35.07
CA GLY A 126 2.73 -8.32 35.67
C GLY A 126 2.99 -7.65 37.02
N ASP A 127 4.20 -7.78 37.55
CA ASP A 127 4.51 -7.15 38.82
C ASP A 127 4.86 -5.69 38.55
N TYR A 128 3.87 -4.92 38.11
CA TYR A 128 4.14 -3.57 37.64
C TYR A 128 4.56 -2.69 38.80
N PHE A 129 4.12 -2.99 40.02
CA PHE A 129 4.50 -2.15 41.12
C PHE A 129 5.95 -1.70 40.91
N HIS A 130 6.82 -2.65 40.56
CA HIS A 130 8.26 -2.40 40.60
C HIS A 130 8.69 -1.63 39.36
N VAL A 131 8.38 -2.19 38.18
CA VAL A 131 8.66 -1.56 36.89
C VAL A 131 7.34 -1.19 36.23
N ARG A 132 7.06 0.10 36.11
CA ARG A 132 5.75 0.59 35.68
C ARG A 132 5.79 1.04 34.22
N PRO A 133 4.90 0.50 33.34
CA PRO A 133 4.84 0.95 31.95
C PRO A 133 4.77 2.46 31.78
N ASN A 134 3.79 3.09 32.41
CA ASN A 134 3.60 4.53 32.26
C ASN A 134 4.71 5.31 32.96
N SER A 135 4.87 5.06 34.27
CA SER A 135 5.56 5.98 35.15
C SER A 135 7.08 5.89 35.00
N ASP A 136 7.58 4.70 34.61
CA ASP A 136 9.01 4.42 34.60
C ASP A 136 9.55 4.27 33.18
N VAL A 137 8.98 3.33 32.41
CA VAL A 137 9.47 3.06 31.07
C VAL A 137 9.30 4.34 30.26
N ASN A 138 8.13 4.98 30.45
CA ASN A 138 7.67 6.09 29.62
C ASN A 138 7.82 7.45 30.32
N MET A 139 8.75 7.56 31.27
CA MET A 139 8.96 8.78 32.05
C MET A 139 9.56 9.88 31.17
N SER A 140 9.15 11.14 31.40
CA SER A 140 9.65 12.30 30.66
C SER A 140 9.19 12.29 29.20
N GLN A 141 8.21 11.44 28.89
CA GLN A 141 7.88 11.09 27.53
C GLN A 141 6.37 11.13 27.32
N SER A 142 5.94 11.51 26.12
CA SER A 142 4.61 11.19 25.61
C SER A 142 4.75 10.31 24.38
N THR A 143 3.64 9.67 24.00
CA THR A 143 3.48 9.10 22.67
C THR A 143 4.07 10.04 21.63
N ASN A 144 3.82 11.34 21.81
CA ASN A 144 3.93 12.32 20.75
C ASN A 144 5.37 12.77 20.54
N ASP A 145 6.32 12.23 21.33
CA ASP A 145 7.74 12.49 21.12
C ASP A 145 8.51 11.18 20.94
N ALA A 146 8.15 10.16 21.71
CA ALA A 146 8.83 8.88 21.61
C ALA A 146 8.57 8.25 20.24
N PHE A 147 7.30 8.14 19.88
CA PHE A 147 6.91 7.44 18.66
C PHE A 147 7.57 8.09 17.45
N PRO A 148 7.38 9.41 17.20
CA PRO A 148 8.06 10.06 16.07
C PRO A 148 9.58 9.97 16.10
N THR A 149 10.19 10.17 17.29
CA THR A 149 11.63 10.13 17.40
C THR A 149 12.13 8.75 16.96
N ALA A 150 11.38 7.71 17.32
CA ALA A 150 11.68 6.37 16.85
C ALA A 150 11.60 6.35 15.33
N VAL A 151 10.44 6.79 14.81
CA VAL A 151 10.17 6.78 13.38
C VAL A 151 11.33 7.45 12.66
N HIS A 152 11.80 8.59 13.19
CA HIS A 152 12.87 9.34 12.55
C HIS A 152 14.14 8.50 12.42
N ILE A 153 14.45 7.73 13.46
CA ILE A 153 15.66 6.93 13.48
C ILE A 153 15.49 5.73 12.54
N ALA A 154 14.32 5.11 12.60
CA ALA A 154 13.98 4.01 11.71
C ALA A 154 14.14 4.44 10.25
N VAL A 155 13.47 5.55 9.92
CA VAL A 155 13.43 6.04 8.56
C VAL A 155 14.87 6.28 8.10
N LEU A 156 15.69 6.88 8.96
CA LEU A 156 17.07 7.17 8.59
C LEU A 156 17.83 5.89 8.28
N THR A 157 17.67 4.85 9.12
CA THR A 157 18.43 3.62 8.94
C THR A 157 18.07 2.97 7.61
N LEU A 158 16.77 2.96 7.28
CA LEU A 158 16.32 2.31 6.08
C LEU A 158 16.80 3.09 4.86
N LEU A 159 16.76 4.42 4.96
CA LEU A 159 17.17 5.28 3.86
C LEU A 159 18.64 5.05 3.56
N ASP A 160 19.42 4.81 4.62
CA ASP A 160 20.86 4.63 4.47
C ASP A 160 21.13 3.29 3.80
N HIS A 161 20.31 2.26 4.12
CA HIS A 161 20.38 1.00 3.39
C HIS A 161 20.02 1.27 1.93
N LEU A 162 18.99 2.08 1.71
CA LEU A 162 18.51 2.35 0.38
C LEU A 162 19.63 2.95 -0.48
N LEU A 163 20.30 3.97 0.05
CA LEU A 163 21.30 4.71 -0.71
C LEU A 163 22.52 3.85 -1.01
N GLU A 164 22.82 2.90 -0.12
CA GLU A 164 23.87 1.93 -0.38
C GLU A 164 23.45 1.09 -1.58
N THR A 165 22.21 0.59 -1.56
CA THR A 165 21.71 -0.27 -2.62
C THR A 165 21.68 0.46 -3.96
N MET A 166 21.37 1.75 -3.90
CA MET A 166 21.22 2.56 -5.10
C MET A 166 22.59 2.95 -5.62
N GLU A 167 23.49 3.25 -4.67
CA GLU A 167 24.86 3.56 -5.01
C GLU A 167 25.41 2.39 -5.82
N ARG A 168 25.09 1.16 -5.36
CA ARG A 168 25.49 -0.06 -6.05
C ARG A 168 24.77 -0.13 -7.40
N MET A 169 23.46 0.17 -7.43
CA MET A 169 22.69 0.12 -8.66
C MET A 169 23.27 1.08 -9.69
N ARG A 170 23.68 2.29 -9.26
CA ARG A 170 24.18 3.25 -10.22
C ARG A 170 25.50 2.74 -10.80
N ASP A 171 26.31 2.10 -9.95
CA ASP A 171 27.56 1.51 -10.40
C ASP A 171 27.24 0.51 -11.50
N ALA A 172 26.16 -0.26 -11.32
CA ALA A 172 25.80 -1.32 -12.24
C ALA A 172 25.46 -0.74 -13.61
N PHE A 173 24.59 0.28 -13.61
CA PHE A 173 24.19 0.93 -14.85
C PHE A 173 25.41 1.55 -15.54
N ALA A 174 26.27 2.20 -14.73
CA ALA A 174 27.44 2.90 -15.22
C ALA A 174 28.36 1.98 -16.01
N GLU A 175 28.51 0.72 -15.55
CA GLU A 175 29.30 -0.28 -16.27
C GLU A 175 28.68 -0.54 -17.64
N LYS A 176 27.36 -0.71 -17.68
CA LYS A 176 26.67 -1.01 -18.93
C LYS A 176 26.76 0.18 -19.88
N ALA A 177 26.95 1.39 -19.33
CA ALA A 177 27.19 2.57 -20.13
C ALA A 177 28.49 2.39 -20.89
N LYS A 178 29.54 1.97 -20.18
CA LYS A 178 30.86 1.79 -20.75
C LYS A 178 30.85 0.60 -21.69
N ALA A 179 30.25 -0.52 -21.25
CA ALA A 179 30.22 -1.73 -22.04
C ALA A 179 29.56 -1.50 -23.40
N PHE A 180 28.47 -0.73 -23.40
CA PHE A 180 27.63 -0.57 -24.59
C PHE A 180 27.91 0.74 -25.31
N ASP A 181 28.98 1.44 -24.91
CA ASP A 181 29.28 2.74 -25.48
C ASP A 181 29.46 2.66 -26.99
N PRO A 182 30.15 1.63 -27.54
CA PRO A 182 30.39 1.56 -28.98
C PRO A 182 29.26 1.00 -29.83
N TYR A 183 28.20 0.46 -29.23
CA TYR A 183 27.14 -0.17 -30.00
C TYR A 183 26.13 0.85 -30.52
N ILE A 184 25.96 0.88 -31.85
CA ILE A 184 25.07 1.82 -32.52
C ILE A 184 23.68 1.17 -32.68
N LYS A 185 22.63 2.00 -32.58
CA LYS A 185 21.26 1.56 -32.73
C LYS A 185 20.42 2.72 -33.23
N MET A 186 19.14 2.44 -33.53
CA MET A 186 18.20 3.50 -33.89
C MET A 186 17.58 4.10 -32.64
N GLY A 187 17.85 5.39 -32.44
CA GLY A 187 17.05 6.17 -31.50
C GLY A 187 15.59 6.18 -31.95
N ARG A 188 14.67 6.10 -30.99
CA ARG A 188 13.26 6.18 -31.30
C ARG A 188 12.62 7.35 -30.58
N ILE A 189 11.59 7.88 -31.24
CA ILE A 189 10.92 9.12 -30.86
C ILE A 189 9.44 8.93 -31.20
N HIS A 190 8.59 8.89 -30.19
CA HIS A 190 7.19 8.50 -30.34
C HIS A 190 7.10 7.04 -30.81
N LEU A 191 8.19 6.29 -30.58
CA LEU A 191 8.35 4.91 -31.04
C LEU A 191 8.65 4.85 -32.54
N GLN A 192 8.69 6.03 -33.20
CA GLN A 192 9.06 6.10 -34.60
C GLN A 192 10.58 6.20 -34.70
N ASP A 193 11.14 5.57 -35.74
CA ASP A 193 12.57 5.58 -35.98
C ASP A 193 13.02 7.02 -36.19
N ALA A 194 14.10 7.40 -35.53
CA ALA A 194 14.67 8.73 -35.72
C ALA A 194 16.14 8.58 -36.15
N VAL A 195 17.05 9.13 -35.35
CA VAL A 195 18.46 9.22 -35.70
C VAL A 195 19.25 8.21 -34.88
N PRO A 196 20.46 7.81 -35.35
CA PRO A 196 21.34 6.94 -34.56
C PRO A 196 21.69 7.51 -33.20
N ILE A 197 21.87 6.56 -32.28
CA ILE A 197 22.30 6.77 -30.91
C ILE A 197 23.02 5.49 -30.50
N ARG A 198 23.94 5.60 -29.54
CA ARG A 198 24.61 4.41 -29.05
C ARG A 198 23.94 3.91 -27.77
N LEU A 199 23.75 2.59 -27.70
CA LEU A 199 23.09 1.97 -26.57
C LEU A 199 23.66 2.50 -25.27
N GLY A 200 24.98 2.69 -25.21
CA GLY A 200 25.66 3.19 -24.02
C GLY A 200 25.22 4.60 -23.60
N GLN A 201 24.86 5.46 -24.58
CA GLN A 201 24.33 6.78 -24.28
C GLN A 201 23.01 6.68 -23.55
N GLU A 202 22.20 5.66 -23.90
CA GLU A 202 20.93 5.43 -23.23
C GLU A 202 21.18 5.00 -21.80
N PHE A 203 22.24 4.22 -21.58
CA PHE A 203 22.49 3.68 -20.25
C PHE A 203 23.15 4.77 -19.40
N GLU A 204 23.87 5.70 -20.03
CA GLU A 204 24.39 6.81 -19.24
C GLU A 204 23.21 7.66 -18.77
N ALA A 205 22.22 7.83 -19.64
CA ALA A 205 21.01 8.54 -19.27
C ALA A 205 20.38 7.92 -18.03
N TYR A 206 20.25 6.60 -18.04
CA TYR A 206 19.73 5.91 -16.86
C TYR A 206 20.65 6.18 -15.67
N THR A 207 21.98 6.12 -15.88
CA THR A 207 22.93 6.25 -14.78
C THR A 207 22.77 7.59 -14.06
N ARG A 208 22.47 8.64 -14.82
CA ARG A 208 22.54 9.99 -14.28
C ARG A 208 21.24 10.33 -13.56
N VAL A 209 20.10 9.86 -14.08
CA VAL A 209 18.83 10.08 -13.40
C VAL A 209 18.93 9.45 -12.01
N ILE A 210 19.65 8.32 -11.94
CA ILE A 210 19.82 7.62 -10.68
C ILE A 210 20.77 8.41 -9.79
N GLU A 211 21.84 8.95 -10.36
CA GLU A 211 22.72 9.82 -9.61
C GLU A 211 21.87 10.88 -8.90
N ARG A 212 20.91 11.45 -9.62
CA ARG A 212 20.08 12.55 -9.12
C ARG A 212 19.12 12.04 -8.06
N ASP A 213 18.54 10.85 -8.28
CA ASP A 213 17.65 10.27 -7.28
C ASP A 213 18.40 10.14 -5.95
N ILE A 214 19.66 9.73 -6.02
CA ILE A 214 20.44 9.52 -4.81
C ILE A 214 20.55 10.83 -4.05
N GLN A 215 20.86 11.92 -4.78
CA GLN A 215 21.07 13.22 -4.16
C GLN A 215 19.78 13.73 -3.51
N ARG A 216 18.64 13.50 -4.15
CA ARG A 216 17.36 13.92 -3.62
C ARG A 216 17.01 13.15 -2.34
N ILE A 217 17.29 11.84 -2.34
CA ILE A 217 16.93 11.02 -1.19
C ILE A 217 17.88 11.34 -0.06
N LYS A 218 19.16 11.50 -0.38
CA LYS A 218 20.14 11.97 0.59
C LYS A 218 19.59 13.20 1.30
N GLN A 219 19.18 14.21 0.53
CA GLN A 219 18.77 15.48 1.13
C GLN A 219 17.52 15.31 1.99
N SER A 220 16.63 14.36 1.63
CA SER A 220 15.35 14.24 2.33
C SER A 220 15.57 13.99 3.83
N ARG A 221 16.76 13.46 4.14
CA ARG A 221 17.15 13.08 5.49
C ARG A 221 17.36 14.27 6.42
N GLY A 222 17.82 15.38 5.86
CA GLY A 222 18.22 16.53 6.67
C GLY A 222 17.20 16.82 7.78
N HIS A 223 15.94 16.92 7.39
CA HIS A 223 14.87 17.34 8.29
C HIS A 223 14.62 16.26 9.35
N LEU A 224 15.02 15.01 9.09
CA LEU A 224 14.77 13.90 10.00
C LEU A 224 15.71 13.93 11.20
N TYR A 225 16.90 14.55 11.02
CA TYR A 225 17.92 14.60 12.06
C TYR A 225 17.40 15.40 13.24
N GLU A 226 16.51 16.36 12.98
CA GLU A 226 15.83 17.10 14.04
C GLU A 226 14.79 16.20 14.71
N ILE A 227 14.84 16.10 16.05
CA ILE A 227 13.95 15.20 16.77
C ILE A 227 13.32 15.96 17.92
N ASN A 228 12.09 15.59 18.28
CA ASN A 228 11.24 16.43 19.10
C ASN A 228 11.23 15.92 20.53
N MET A 229 12.29 15.20 20.91
CA MET A 229 12.30 14.50 22.18
C MET A 229 12.22 15.49 23.34
N GLY A 230 11.25 15.27 24.22
CA GLY A 230 11.00 16.18 25.34
C GLY A 230 9.94 17.23 25.00
N ALA A 231 9.22 16.98 23.91
CA ALA A 231 8.09 17.82 23.53
C ALA A 231 6.91 17.48 24.42
N THR A 232 6.88 16.24 24.89
CA THR A 232 5.79 15.74 25.71
C THR A 232 4.50 15.83 24.89
N ALA A 233 3.43 16.38 25.49
CA ALA A 233 2.09 16.28 24.94
C ALA A 233 1.97 17.03 23.60
N VAL A 234 2.39 18.30 23.59
CA VAL A 234 1.93 19.27 22.61
C VAL A 234 3.08 20.00 21.90
N GLY A 235 4.25 20.05 22.55
CA GLY A 235 5.39 20.79 22.03
C GLY A 235 5.91 21.78 23.06
N THR A 236 5.05 22.16 24.03
CA THR A 236 5.42 23.12 25.08
C THR A 236 6.51 22.52 25.97
N GLY A 237 6.60 21.18 26.02
CA GLY A 237 7.70 20.51 26.69
C GLY A 237 7.54 20.56 28.21
N LEU A 238 6.30 20.70 28.67
CA LEU A 238 5.99 20.99 30.05
C LEU A 238 6.25 19.75 30.89
N ASN A 239 6.96 19.93 32.02
CA ASN A 239 7.22 18.89 33.02
C ASN A 239 8.38 18.01 32.60
N ALA A 240 9.10 18.41 31.55
CA ALA A 240 10.31 17.72 31.13
C ALA A 240 11.50 18.66 31.33
N ASP A 241 12.58 18.11 31.89
CA ASP A 241 13.68 18.92 32.39
C ASP A 241 14.68 19.17 31.25
N PRO A 242 15.07 20.43 30.97
CA PRO A 242 16.00 20.71 29.88
C PRO A 242 17.24 19.83 29.92
N ARG A 243 17.64 19.43 31.13
CA ARG A 243 18.81 18.60 31.34
C ARG A 243 18.54 17.20 30.77
N TYR A 244 17.31 16.69 30.97
CA TYR A 244 16.86 15.42 30.39
C TYR A 244 16.84 15.53 28.87
N ILE A 245 16.36 16.68 28.38
CA ILE A 245 16.22 16.91 26.95
C ILE A 245 17.62 16.94 26.33
N GLU A 246 18.56 17.63 26.96
CA GLU A 246 19.93 17.71 26.46
C GLU A 246 20.57 16.32 26.48
N SER A 247 20.31 15.56 27.55
CA SER A 247 20.94 14.25 27.74
C SER A 247 20.38 13.24 26.75
N VAL A 248 19.05 13.12 26.74
CA VAL A 248 18.37 12.07 26.01
C VAL A 248 18.74 12.15 24.53
N VAL A 249 18.95 13.37 24.03
CA VAL A 249 19.38 13.55 22.65
C VAL A 249 20.78 12.98 22.50
N LYS A 250 21.71 13.50 23.30
CA LYS A 250 23.11 13.09 23.33
C LYS A 250 23.20 11.56 23.28
N HIS A 251 22.39 10.87 24.10
CA HIS A 251 22.37 9.41 24.14
C HIS A 251 21.87 8.83 22.82
N LEU A 252 20.76 9.39 22.32
CA LEU A 252 20.17 8.89 21.10
C LEU A 252 21.17 8.98 19.97
N ARG A 253 22.00 10.03 19.97
CA ARG A 253 23.04 10.22 18.98
C ARG A 253 24.05 9.08 19.05
N GLU A 254 24.46 8.70 20.27
CA GLU A 254 25.44 7.64 20.43
C GLU A 254 24.79 6.29 20.10
N ILE A 255 23.64 6.03 20.72
CA ILE A 255 22.92 4.78 20.51
C ILE A 255 22.69 4.54 19.01
N SER A 256 22.07 5.53 18.35
CA SER A 256 21.60 5.38 16.97
C SER A 256 22.78 5.43 16.00
N GLY A 257 23.75 6.28 16.30
CA GLY A 257 24.86 6.50 15.39
C GLY A 257 24.67 7.78 14.59
N TYR A 258 23.47 8.38 14.67
CA TYR A 258 23.06 9.46 13.78
C TYR A 258 23.32 10.82 14.40
N PRO A 259 23.65 11.83 13.56
CA PRO A 259 23.88 13.19 14.03
C PRO A 259 22.59 13.94 14.37
N LEU A 260 21.83 13.35 15.29
CA LEU A 260 20.53 13.87 15.69
C LEU A 260 20.74 15.17 16.46
N VAL A 261 19.70 15.99 16.46
CA VAL A 261 19.77 17.29 17.11
C VAL A 261 18.38 17.63 17.61
N GLY A 262 18.30 18.26 18.79
CA GLY A 262 17.02 18.70 19.31
C GLY A 262 16.47 19.77 18.38
N ALA A 263 15.20 19.65 17.99
CA ALA A 263 14.61 20.60 17.06
C ALA A 263 14.43 21.92 17.80
N GLU A 264 14.76 23.05 17.12
CA GLU A 264 14.77 24.37 17.74
C GLU A 264 13.40 24.71 18.31
N ASN A 265 12.34 24.37 17.58
CA ASN A 265 10.98 24.57 18.02
C ASN A 265 10.32 23.21 18.19
N LEU A 266 9.80 22.96 19.41
CA LEU A 266 9.24 21.66 19.74
C LEU A 266 7.77 21.62 19.35
N VAL A 267 7.06 22.75 19.43
CA VAL A 267 5.67 22.83 19.00
C VAL A 267 5.61 22.48 17.51
N ASP A 268 6.55 23.07 16.76
CA ASP A 268 6.66 22.88 15.33
C ASP A 268 6.91 21.41 15.00
N ALA A 269 7.96 20.82 15.60
CA ALA A 269 8.37 19.48 15.25
C ALA A 269 7.36 18.44 15.73
N THR A 270 6.36 18.86 16.52
CA THR A 270 5.40 17.94 17.09
C THR A 270 4.12 17.91 16.27
N GLN A 271 3.82 19.00 15.55
CA GLN A 271 2.54 19.07 14.85
C GLN A 271 2.71 18.97 13.32
N ASN A 272 3.92 19.15 12.80
CA ASN A 272 4.11 19.16 11.35
C ASN A 272 4.68 17.83 10.89
N THR A 273 4.14 17.29 9.80
CA THR A 273 4.54 15.98 9.31
C THR A 273 5.25 16.11 7.97
N ASP A 274 5.90 17.25 7.74
CA ASP A 274 6.37 17.58 6.41
C ASP A 274 7.70 16.89 6.12
N ALA A 275 8.36 16.40 7.18
CA ALA A 275 9.61 15.70 7.02
C ALA A 275 9.35 14.40 6.27
N TYR A 276 8.21 13.78 6.58
CA TYR A 276 7.79 12.51 6.02
C TYR A 276 7.25 12.69 4.60
N THR A 277 6.41 13.70 4.38
CA THR A 277 5.85 13.92 3.05
C THR A 277 6.98 14.24 2.07
N GLU A 278 8.07 14.83 2.61
CA GLU A 278 9.23 15.24 1.84
C GLU A 278 9.99 14.02 1.33
N VAL A 279 10.23 13.07 2.24
CA VAL A 279 10.90 11.82 1.89
C VAL A 279 10.06 11.07 0.86
N SER A 280 8.75 10.87 1.14
CA SER A 280 7.91 10.16 0.21
C SER A 280 8.00 10.79 -1.17
N ALA A 281 7.87 12.11 -1.20
CA ALA A 281 7.96 12.84 -2.46
C ALA A 281 9.21 12.43 -3.25
N ALA A 282 10.37 12.41 -2.59
CA ALA A 282 11.66 12.09 -3.23
C ALA A 282 11.66 10.67 -3.80
N LEU A 283 10.99 9.77 -3.09
CA LEU A 283 10.94 8.37 -3.46
C LEU A 283 10.04 8.19 -4.67
N LYS A 284 8.93 8.94 -4.69
CA LYS A 284 7.96 8.82 -5.77
C LYS A 284 8.68 9.19 -7.06
N VAL A 285 9.33 10.34 -7.04
CA VAL A 285 10.12 10.76 -8.18
C VAL A 285 11.06 9.63 -8.62
N CYS A 286 11.80 9.07 -7.66
CA CYS A 286 12.75 8.01 -7.94
C CYS A 286 12.08 6.92 -8.78
N MET A 287 10.95 6.41 -8.28
CA MET A 287 10.29 5.27 -8.90
C MET A 287 9.66 5.66 -10.24
N MET A 288 9.26 6.92 -10.44
CA MET A 288 8.78 7.31 -11.76
C MET A 288 9.89 7.04 -12.76
N ASN A 289 11.12 7.46 -12.40
CA ASN A 289 12.27 7.33 -13.27
C ASN A 289 12.55 5.85 -13.53
N MET A 290 12.51 5.04 -12.47
CA MET A 290 12.90 3.64 -12.57
C MET A 290 11.85 2.86 -13.34
N SER A 291 10.58 3.14 -13.03
CA SER A 291 9.46 2.53 -13.72
C SER A 291 9.62 2.77 -15.21
N LYS A 292 10.03 3.99 -15.59
CA LYS A 292 10.33 4.29 -16.99
C LYS A 292 11.47 3.40 -17.49
N ILE A 293 12.63 3.47 -16.84
CA ILE A 293 13.78 2.70 -17.28
C ILE A 293 13.38 1.26 -17.44
N ALA A 294 12.58 0.74 -16.49
CA ALA A 294 12.05 -0.61 -16.58
C ALA A 294 11.27 -0.78 -17.89
N ASN A 295 10.35 0.14 -18.18
CA ASN A 295 9.52 0.00 -19.36
C ASN A 295 10.38 -0.01 -20.63
N ASP A 296 11.46 0.78 -20.62
CA ASP A 296 12.41 0.80 -21.72
C ASP A 296 12.99 -0.60 -21.93
N LEU A 297 13.52 -1.20 -20.85
CA LEU A 297 14.24 -2.45 -20.95
C LEU A 297 13.31 -3.54 -21.47
N ARG A 298 12.07 -3.51 -21.00
CA ARG A 298 11.07 -4.49 -21.42
C ARG A 298 10.80 -4.39 -22.93
N LEU A 299 10.77 -3.16 -23.44
CA LEU A 299 10.66 -2.90 -24.87
C LEU A 299 11.84 -3.49 -25.62
N MET A 300 13.05 -3.03 -25.25
CA MET A 300 14.26 -3.36 -25.97
C MET A 300 14.47 -4.88 -25.89
N ALA A 301 13.93 -5.51 -24.85
CA ALA A 301 14.01 -6.96 -24.75
C ALA A 301 12.74 -7.60 -25.31
N SER A 302 11.94 -6.88 -26.08
CA SER A 302 10.78 -7.49 -26.72
C SER A 302 11.29 -8.55 -27.70
N GLY A 303 11.09 -9.81 -27.38
CA GLY A 303 11.64 -10.91 -28.16
C GLY A 303 10.85 -12.19 -27.91
N PRO A 304 11.18 -13.29 -28.59
CA PRO A 304 12.47 -13.48 -29.24
C PRO A 304 12.56 -12.93 -30.66
N ARG A 305 11.50 -13.05 -31.46
CA ARG A 305 11.57 -12.64 -32.87
C ARG A 305 10.68 -11.45 -33.19
N ALA A 306 9.41 -11.48 -32.78
CA ALA A 306 8.44 -10.46 -33.15
C ALA A 306 8.48 -9.24 -32.22
N GLY A 307 9.60 -8.53 -32.21
CA GLY A 307 9.80 -7.38 -31.34
C GLY A 307 11.18 -6.78 -31.58
N LEU A 308 11.54 -5.78 -30.78
CA LEU A 308 12.76 -5.01 -30.97
C LEU A 308 14.00 -5.91 -30.89
N GLY A 309 14.09 -6.70 -29.82
CA GLY A 309 15.16 -7.67 -29.66
C GLY A 309 16.55 -7.03 -29.68
N GLU A 310 16.66 -5.84 -29.06
CA GLU A 310 17.91 -5.09 -29.02
C GLU A 310 18.80 -5.56 -27.87
N ILE A 311 18.19 -6.08 -26.79
CA ILE A 311 18.95 -6.60 -25.65
C ILE A 311 18.32 -7.91 -25.17
N THR A 312 18.98 -8.51 -24.18
CA THR A 312 18.49 -9.70 -23.48
C THR A 312 18.76 -9.53 -21.99
N LEU A 313 17.76 -9.87 -21.19
CA LEU A 313 17.91 -9.80 -19.74
C LEU A 313 18.03 -11.22 -19.21
N PRO A 314 18.87 -11.47 -18.18
CA PRO A 314 19.00 -12.79 -17.57
C PRO A 314 17.65 -13.44 -17.31
N ALA A 315 17.50 -14.68 -17.80
CA ALA A 315 16.36 -15.51 -17.41
C ALA A 315 16.50 -15.78 -15.92
N ARG A 316 15.38 -15.68 -15.21
CA ARG A 316 15.40 -15.96 -13.77
C ARG A 316 14.35 -17.00 -13.44
N GLN A 317 13.49 -17.35 -14.39
CA GLN A 317 12.48 -18.35 -14.13
C GLN A 317 11.83 -18.75 -15.44
N PRO A 318 11.16 -19.92 -15.51
CA PRO A 318 10.29 -20.23 -16.65
C PRO A 318 9.25 -19.10 -16.69
N GLY A 319 9.20 -18.37 -17.82
CA GLY A 319 8.40 -17.15 -17.91
C GLY A 319 6.91 -17.45 -17.88
N SER A 320 6.54 -18.56 -18.57
CA SER A 320 5.16 -18.97 -18.77
C SER A 320 5.00 -20.46 -18.47
N SER A 321 3.74 -20.85 -18.25
CA SER A 321 3.33 -22.18 -17.86
C SER A 321 2.90 -23.01 -19.06
N ILE A 322 2.39 -22.38 -20.14
CA ILE A 322 1.88 -23.07 -21.31
C ILE A 322 2.74 -22.83 -22.56
N ILE A 323 3.33 -21.63 -22.72
CA ILE A 323 4.17 -21.37 -23.88
C ILE A 323 5.57 -21.91 -23.60
N PRO A 324 6.06 -22.90 -24.37
CA PRO A 324 7.44 -23.38 -24.23
C PRO A 324 8.47 -22.34 -24.71
N GLY A 325 9.49 -22.12 -23.89
CA GLY A 325 10.59 -21.22 -24.32
C GLY A 325 10.37 -19.80 -23.86
N MET A 326 9.30 -19.55 -23.12
CA MET A 326 8.99 -18.15 -22.75
C MET A 326 9.89 -17.69 -21.62
N VAL A 327 10.73 -16.69 -21.87
CA VAL A 327 11.56 -16.08 -20.80
C VAL A 327 11.08 -14.63 -20.69
N CYS A 328 10.55 -14.24 -19.53
CA CYS A 328 9.95 -12.89 -19.40
C CYS A 328 10.89 -11.95 -18.63
N PRO A 329 10.79 -10.62 -18.84
CA PRO A 329 11.61 -9.66 -18.11
C PRO A 329 11.05 -9.45 -16.71
N VAL A 330 11.08 -10.50 -15.89
CA VAL A 330 10.32 -10.46 -14.65
C VAL A 330 11.00 -9.53 -13.64
N MET A 331 12.31 -9.33 -13.75
CA MET A 331 12.96 -8.44 -12.81
C MET A 331 12.49 -7.00 -13.03
N ALA A 332 12.45 -6.56 -14.29
CA ALA A 332 11.90 -5.24 -14.60
C ALA A 332 10.46 -5.14 -14.14
N GLU A 333 9.67 -6.19 -14.39
CA GLU A 333 8.25 -6.17 -14.11
C GLU A 333 8.04 -5.88 -12.64
N VAL A 334 8.90 -6.45 -11.78
CA VAL A 334 8.67 -6.31 -10.36
C VAL A 334 8.95 -4.84 -10.02
N ILE A 335 9.96 -4.25 -10.67
CA ILE A 335 10.25 -2.83 -10.47
C ILE A 335 9.02 -1.98 -10.82
N ASN A 336 8.42 -2.23 -11.99
CA ASN A 336 7.20 -1.53 -12.39
C ASN A 336 6.18 -1.56 -11.25
N GLN A 337 5.95 -2.76 -10.71
CA GLN A 337 4.88 -2.99 -9.75
C GLN A 337 5.18 -2.27 -8.44
N ILE A 338 6.44 -2.34 -8.01
CA ILE A 338 6.89 -1.59 -6.84
C ILE A 338 6.57 -0.11 -7.02
N ALA A 339 6.92 0.45 -8.18
CA ALA A 339 6.69 1.87 -8.43
C ALA A 339 5.23 2.19 -8.15
N PHE A 340 4.33 1.37 -8.68
CA PHE A 340 2.90 1.61 -8.50
C PHE A 340 2.53 1.64 -7.02
N GLN A 341 3.12 0.76 -6.21
CA GLN A 341 2.94 0.80 -4.77
C GLN A 341 3.39 2.15 -4.23
N VAL A 342 4.66 2.48 -4.45
CA VAL A 342 5.30 3.61 -3.80
C VAL A 342 4.46 4.86 -4.01
N ILE A 343 3.93 4.96 -5.23
CA ILE A 343 3.15 6.10 -5.68
C ILE A 343 1.85 6.11 -4.90
N GLY A 344 1.05 5.05 -5.05
CA GLY A 344 -0.17 4.87 -4.26
C GLY A 344 0.05 5.14 -2.77
N ASN A 345 1.19 4.69 -2.25
CA ASN A 345 1.56 4.93 -0.86
C ASN A 345 1.78 6.42 -0.62
N ASP A 346 2.44 7.11 -1.54
CA ASP A 346 2.62 8.55 -1.41
C ASP A 346 1.27 9.23 -1.23
N HIS A 347 0.21 8.74 -1.91
CA HIS A 347 -1.09 9.40 -1.88
C HIS A 347 -1.69 9.19 -0.50
N THR A 348 -1.52 7.99 0.05
CA THR A 348 -1.93 7.66 1.41
C THR A 348 -1.19 8.58 2.38
N ILE A 349 0.15 8.59 2.28
CA ILE A 349 0.98 9.43 3.13
C ILE A 349 0.49 10.86 3.08
N CYS A 350 0.30 11.40 1.87
CA CYS A 350 -0.01 12.81 1.71
C CYS A 350 -1.35 13.09 2.38
N LEU A 351 -2.37 12.32 2.02
CA LEU A 351 -3.67 12.41 2.65
C LEU A 351 -3.55 12.50 4.16
N ALA A 352 -2.74 11.60 4.73
CA ALA A 352 -2.63 11.44 6.17
C ALA A 352 -1.94 12.66 6.75
N SER A 353 -0.91 13.12 6.05
CA SER A 353 -0.14 14.26 6.48
C SER A 353 -1.01 15.51 6.56
N GLU A 354 -1.95 15.63 5.61
CA GLU A 354 -2.84 16.77 5.52
C GLU A 354 -3.91 16.75 6.60
N ALA A 355 -4.31 15.54 7.02
CA ALA A 355 -5.44 15.34 7.91
C ALA A 355 -5.12 15.83 9.32
N GLY A 356 -3.85 16.19 9.57
CA GLY A 356 -3.45 16.78 10.83
C GLY A 356 -4.39 17.90 11.27
N GLN A 357 -4.63 17.97 12.59
CA GLN A 357 -5.44 19.03 13.17
C GLN A 357 -4.73 19.59 14.39
N LEU A 358 -4.43 20.90 14.33
CA LEU A 358 -3.90 21.66 15.44
C LEU A 358 -2.63 20.99 15.97
N GLU A 359 -2.56 20.57 17.25
CA GLU A 359 -1.27 20.31 17.87
C GLU A 359 -0.74 18.91 17.55
N LEU A 360 -1.57 18.05 16.93
CA LEU A 360 -1.15 16.68 16.66
C LEU A 360 -1.80 16.11 15.40
N ASN A 361 -0.98 15.33 14.67
CA ASN A 361 -1.43 14.53 13.56
C ASN A 361 -1.61 13.09 14.04
N VAL A 362 -2.87 12.62 14.07
CA VAL A 362 -3.23 11.35 14.67
C VAL A 362 -3.17 10.22 13.64
N MET A 363 -2.86 10.57 12.40
CA MET A 363 -2.85 9.63 11.30
C MET A 363 -1.42 9.15 11.05
N GLU A 364 -0.52 9.44 11.99
CA GLU A 364 0.90 9.18 11.75
C GLU A 364 1.11 7.70 11.46
N PRO A 365 0.35 6.75 12.07
CA PRO A 365 0.59 5.32 11.84
C PRO A 365 0.52 4.86 10.37
N VAL A 366 -0.64 4.98 9.72
CA VAL A 366 -0.77 4.54 8.35
C VAL A 366 0.30 5.25 7.52
N LEU A 367 0.56 6.51 7.86
CA LEU A 367 1.60 7.28 7.21
C LEU A 367 2.92 6.52 7.25
N VAL A 368 3.35 6.18 8.47
CA VAL A 368 4.65 5.57 8.73
C VAL A 368 4.67 4.17 8.14
N PHE A 369 3.53 3.48 8.22
CA PHE A 369 3.42 2.15 7.66
C PHE A 369 3.78 2.21 6.19
N ASN A 370 3.14 3.12 5.45
CA ASN A 370 3.40 3.24 4.03
C ASN A 370 4.82 3.76 3.80
N LEU A 371 5.27 4.73 4.61
CA LEU A 371 6.58 5.31 4.41
C LEU A 371 7.64 4.20 4.52
N LEU A 372 7.61 3.47 5.64
CA LEU A 372 8.62 2.46 5.90
C LEU A 372 8.53 1.40 4.83
N GLN A 373 7.30 0.99 4.50
CA GLN A 373 7.09 -0.02 3.47
C GLN A 373 7.74 0.40 2.17
N SER A 374 7.42 1.62 1.74
CA SER A 374 7.96 2.15 0.49
C SER A 374 9.48 2.00 0.47
N ILE A 375 10.16 2.44 1.53
CA ILE A 375 11.62 2.44 1.56
C ILE A 375 12.15 1.01 1.48
N SER A 376 11.53 0.11 2.24
CA SER A 376 11.93 -1.28 2.28
C SER A 376 11.77 -1.89 0.90
N ILE A 377 10.54 -1.93 0.38
CA ILE A 377 10.26 -2.61 -0.86
C ILE A 377 11.19 -2.07 -1.96
N MET A 378 11.52 -0.77 -1.92
CA MET A 378 12.43 -0.21 -2.92
C MET A 378 13.82 -0.83 -2.77
N ASN A 379 14.35 -0.78 -1.55
CA ASN A 379 15.68 -1.28 -1.26
C ASN A 379 15.81 -2.73 -1.72
N ASN A 380 14.73 -3.50 -1.53
CA ASN A 380 14.73 -4.91 -1.88
C ASN A 380 14.63 -5.07 -3.38
N GLY A 381 13.65 -4.40 -3.99
CA GLY A 381 13.53 -4.41 -5.44
C GLY A 381 14.83 -4.07 -6.14
N PHE A 382 15.53 -3.04 -5.63
CA PHE A 382 16.74 -2.56 -6.28
C PHE A 382 17.87 -3.57 -6.15
N ARG A 383 17.98 -4.18 -4.96
CA ARG A 383 19.07 -5.09 -4.67
C ARG A 383 18.99 -6.25 -5.68
N VAL A 384 17.79 -6.83 -5.79
CA VAL A 384 17.55 -8.02 -6.60
C VAL A 384 17.65 -7.66 -8.07
N PHE A 385 17.23 -6.44 -8.42
CA PHE A 385 17.20 -5.99 -9.80
C PHE A 385 18.63 -5.68 -10.25
N THR A 386 19.43 -5.11 -9.35
CA THR A 386 20.81 -4.85 -9.66
C THR A 386 21.47 -6.19 -10.00
N GLU A 387 21.36 -7.17 -9.10
CA GLU A 387 22.12 -8.41 -9.21
C GLU A 387 21.56 -9.34 -10.28
N TYR A 388 20.24 -9.50 -10.35
CA TYR A 388 19.67 -10.56 -11.16
C TYR A 388 19.21 -10.06 -12.53
N CYS A 389 19.44 -8.77 -12.84
CA CYS A 389 19.04 -8.25 -14.14
C CYS A 389 20.10 -7.30 -14.70
N VAL A 390 20.29 -6.15 -14.05
CA VAL A 390 21.09 -5.09 -14.64
C VAL A 390 22.48 -5.60 -15.00
N LYS A 391 23.20 -6.15 -14.02
CA LYS A 391 24.54 -6.67 -14.26
C LYS A 391 24.58 -7.69 -15.41
N GLY A 392 23.49 -8.45 -15.62
CA GLY A 392 23.54 -9.54 -16.58
C GLY A 392 22.98 -9.18 -17.95
N ILE A 393 22.75 -7.89 -18.22
CA ILE A 393 22.13 -7.48 -19.47
C ILE A 393 23.15 -7.61 -20.59
N GLU A 394 22.71 -8.15 -21.74
CA GLU A 394 23.58 -8.24 -22.90
C GLU A 394 22.90 -7.64 -24.12
N ALA A 395 23.74 -7.26 -25.10
CA ALA A 395 23.33 -6.54 -26.30
C ALA A 395 23.23 -7.48 -27.51
N ASN A 396 22.32 -7.18 -28.45
CA ASN A 396 22.28 -7.87 -29.74
C ASN A 396 22.82 -6.95 -30.83
N GLU A 397 24.10 -6.59 -30.76
CA GLU A 397 24.69 -5.53 -31.54
C GLU A 397 24.52 -5.72 -33.05
N GLU A 398 24.40 -6.97 -33.52
CA GLU A 398 24.17 -7.18 -34.95
C GLU A 398 22.73 -6.87 -35.33
N LYS A 399 21.79 -7.13 -34.42
CA LYS A 399 20.39 -6.76 -34.62
C LYS A 399 20.27 -5.23 -34.64
N MET A 400 21.00 -4.57 -33.74
CA MET A 400 20.93 -3.12 -33.54
C MET A 400 21.60 -2.37 -34.69
N LYS A 401 22.76 -2.87 -35.14
CA LYS A 401 23.46 -2.27 -36.25
C LYS A 401 22.63 -2.43 -37.53
N GLU A 402 21.98 -3.60 -37.68
CA GLU A 402 21.12 -3.86 -38.82
C GLU A 402 20.03 -2.80 -38.97
N TYR A 403 19.40 -2.41 -37.86
CA TYR A 403 18.38 -1.39 -37.87
C TYR A 403 18.93 -0.08 -38.44
N VAL A 404 20.18 0.29 -38.09
CA VAL A 404 20.77 1.54 -38.56
C VAL A 404 20.91 1.46 -40.07
N GLU A 405 21.49 0.35 -40.53
CA GLU A 405 21.85 0.12 -41.92
C GLU A 405 20.63 0.11 -42.84
N LYS A 406 19.43 -0.10 -42.30
CA LYS A 406 18.23 -0.13 -43.11
C LYS A 406 17.28 0.97 -42.65
N SER A 407 17.84 2.15 -42.36
CA SER A 407 17.10 3.17 -41.64
C SER A 407 17.18 4.47 -42.41
N VAL A 408 16.00 5.08 -42.59
CA VAL A 408 15.87 6.29 -43.36
C VAL A 408 16.56 7.43 -42.62
N GLY A 409 16.32 7.51 -41.29
CA GLY A 409 16.74 8.62 -40.46
C GLY A 409 18.26 8.89 -40.51
N VAL A 410 19.03 7.90 -40.99
CA VAL A 410 20.47 8.00 -41.16
C VAL A 410 20.81 9.10 -42.17
N ILE A 411 19.83 9.54 -42.97
CA ILE A 411 20.01 10.55 -43.99
C ILE A 411 20.34 11.91 -43.37
N THR A 412 20.00 12.09 -42.09
CA THR A 412 20.26 13.34 -41.39
C THR A 412 21.77 13.53 -41.24
N ALA A 413 22.55 12.45 -41.35
CA ALA A 413 23.98 12.46 -41.07
C ALA A 413 24.80 12.78 -42.32
N VAL A 414 24.29 12.34 -43.49
CA VAL A 414 24.95 12.55 -44.79
C VAL A 414 24.36 13.77 -45.48
N ASN A 415 23.55 14.56 -44.74
CA ASN A 415 22.82 15.71 -45.24
C ASN A 415 23.79 16.86 -45.58
N PRO A 416 24.70 17.28 -44.66
CA PRO A 416 25.61 18.40 -44.95
C PRO A 416 26.63 18.23 -46.08
N HIS A 417 26.86 16.98 -46.54
CA HIS A 417 27.84 16.68 -47.58
C HIS A 417 27.21 16.50 -48.96
N ILE A 418 25.89 16.24 -49.00
CA ILE A 418 25.14 16.09 -50.23
C ILE A 418 24.30 17.34 -50.48
N GLY A 419 23.91 18.05 -49.41
CA GLY A 419 22.95 19.14 -49.50
C GLY A 419 21.50 18.64 -49.46
N TYR A 420 20.58 19.49 -48.97
CA TYR A 420 19.20 19.12 -48.71
C TYR A 420 18.48 18.65 -49.97
N GLU A 421 18.85 19.18 -51.15
CA GLU A 421 18.11 18.91 -52.38
C GLU A 421 18.39 17.49 -52.89
N VAL A 422 19.68 17.11 -52.91
CA VAL A 422 20.10 15.84 -53.50
C VAL A 422 19.76 14.69 -52.54
N ALA A 423 19.69 14.99 -51.23
CA ALA A 423 19.43 13.97 -50.21
C ALA A 423 17.93 13.80 -49.96
N SER A 424 17.11 14.82 -50.26
CA SER A 424 15.64 14.70 -50.19
C SER A 424 15.15 13.60 -51.13
N ARG A 425 15.79 13.52 -52.32
CA ARG A 425 15.41 12.57 -53.35
C ARG A 425 16.00 11.18 -53.05
N ILE A 426 17.22 11.10 -52.50
CA ILE A 426 17.83 9.83 -52.11
C ILE A 426 17.03 9.20 -50.96
N ALA A 427 16.43 10.05 -50.11
CA ALA A 427 15.69 9.63 -48.93
C ALA A 427 14.30 9.12 -49.30
N ARG A 428 13.66 9.79 -50.28
CA ARG A 428 12.37 9.37 -50.78
C ARG A 428 12.52 8.05 -51.55
N GLU A 429 13.69 7.83 -52.18
CA GLU A 429 13.96 6.64 -52.96
C GLU A 429 14.22 5.46 -52.03
N ALA A 430 14.95 5.70 -50.93
CA ALA A 430 15.36 4.66 -49.99
C ALA A 430 14.17 4.12 -49.20
N THR A 431 13.21 5.01 -48.85
CA THR A 431 11.98 4.64 -48.17
C THR A 431 11.17 3.72 -49.08
N LEU A 432 10.96 4.14 -50.33
CA LEU A 432 10.18 3.38 -51.29
C LEU A 432 10.88 2.06 -51.61
N THR A 433 12.12 2.10 -52.14
CA THR A 433 12.80 0.88 -52.58
C THR A 433 13.20 0.00 -51.38
N GLY A 434 13.49 0.65 -50.23
CA GLY A 434 13.87 -0.06 -49.02
C GLY A 434 15.35 -0.43 -49.02
N GLN A 435 16.19 0.32 -49.72
CA GLN A 435 17.61 0.01 -49.81
C GLN A 435 18.37 0.90 -48.85
N SER A 436 19.54 0.43 -48.39
CA SER A 436 20.34 1.15 -47.42
C SER A 436 20.80 2.46 -48.03
N VAL A 437 20.98 3.49 -47.20
CA VAL A 437 21.32 4.81 -47.70
C VAL A 437 22.79 4.82 -48.12
N ARG A 438 23.62 3.94 -47.53
CA ARG A 438 25.02 3.80 -47.94
C ARG A 438 25.09 3.37 -49.40
N ASP A 439 24.27 2.39 -49.79
CA ASP A 439 24.33 1.81 -51.14
C ASP A 439 23.71 2.75 -52.17
N LEU A 440 22.81 3.66 -51.72
CA LEU A 440 22.23 4.71 -52.57
C LEU A 440 23.17 5.90 -52.69
N CYS A 441 24.17 6.00 -51.79
CA CYS A 441 25.17 7.04 -51.89
C CYS A 441 26.25 6.65 -52.89
N ARG A 442 26.53 5.36 -53.07
CA ARG A 442 27.51 4.98 -54.08
C ARG A 442 26.82 4.60 -55.39
N LYS A 443 25.50 4.39 -55.37
CA LYS A 443 24.78 4.19 -56.62
C LYS A 443 24.82 5.51 -57.39
N TYR A 444 24.38 6.59 -56.71
CA TYR A 444 24.48 7.95 -57.23
C TYR A 444 25.95 8.40 -57.27
N ASP A 445 26.84 7.70 -56.57
CA ASP A 445 28.24 8.04 -56.44
C ASP A 445 28.39 9.52 -56.06
N VAL A 446 27.71 9.91 -54.97
CA VAL A 446 27.85 11.23 -54.38
C VAL A 446 28.93 11.22 -53.30
N LEU A 447 29.24 10.03 -52.76
CA LEU A 447 30.21 9.91 -51.68
C LEU A 447 31.05 8.63 -51.85
N SER A 448 32.34 8.71 -51.46
CA SER A 448 33.25 7.57 -51.50
C SER A 448 32.96 6.60 -50.36
N ASP A 449 33.39 5.33 -50.53
CA ASP A 449 33.20 4.30 -49.52
C ASP A 449 33.95 4.64 -48.23
N GLU A 450 35.19 5.11 -48.38
CA GLU A 450 35.99 5.50 -47.23
C GLU A 450 35.28 6.64 -46.49
N GLU A 451 34.73 7.58 -47.26
CA GLU A 451 34.00 8.71 -46.70
C GLU A 451 32.80 8.20 -45.91
N LEU A 452 32.10 7.21 -46.47
CA LEU A 452 30.89 6.70 -45.84
C LEU A 452 31.24 5.96 -44.54
N ASP A 453 32.42 5.34 -44.48
CA ASP A 453 32.92 4.74 -43.25
C ASP A 453 32.97 5.80 -42.14
N LEU A 454 33.39 7.03 -42.49
CA LEU A 454 33.66 8.07 -41.50
C LEU A 454 32.36 8.78 -41.11
N ILE A 455 31.44 8.98 -42.07
CA ILE A 455 30.17 9.64 -41.83
C ILE A 455 29.20 8.72 -41.08
N LEU A 456 29.15 7.43 -41.48
CA LEU A 456 28.30 6.45 -40.81
C LEU A 456 29.08 5.68 -39.75
N ASP A 457 30.02 6.38 -39.08
CA ASP A 457 30.75 5.87 -37.94
C ASP A 457 29.80 5.90 -36.74
N PRO A 458 29.66 4.78 -35.98
CA PRO A 458 28.97 4.81 -34.69
C PRO A 458 29.20 6.05 -33.81
N TYR A 459 30.45 6.52 -33.74
CA TYR A 459 30.80 7.64 -32.89
C TYR A 459 30.39 8.96 -33.55
N GLU A 460 30.42 9.06 -34.89
CA GLU A 460 30.32 10.34 -35.59
C GLU A 460 28.85 10.77 -35.72
N MET A 461 27.98 9.78 -35.94
CA MET A 461 26.56 10.03 -36.07
C MET A 461 25.94 10.48 -34.73
N THR A 462 26.69 10.34 -33.62
CA THR A 462 26.11 10.48 -32.28
C THR A 462 26.91 11.46 -31.41
N HIS A 463 27.59 12.44 -32.00
CA HIS A 463 28.17 13.51 -31.20
C HIS A 463 27.66 14.83 -31.77
N PRO A 464 27.72 15.96 -31.02
CA PRO A 464 27.45 17.27 -31.59
C PRO A 464 28.50 17.58 -32.66
N GLY A 465 28.04 18.15 -33.78
CA GLY A 465 28.84 18.32 -34.97
C GLY A 465 28.12 17.72 -36.17
N ILE A 466 28.84 17.55 -37.29
CA ILE A 466 28.22 17.41 -38.59
C ILE A 466 28.63 16.09 -39.25
N ALA A 467 29.34 15.22 -38.50
CA ALA A 467 29.80 13.90 -38.93
C ALA A 467 30.85 13.96 -40.06
N GLY A 468 31.78 14.95 -39.98
CA GLY A 468 32.78 15.21 -41.00
C GLY A 468 34.03 15.83 -40.38
N TYR B 7 16.53 -33.46 3.40
CA TYR B 7 16.49 -32.37 2.40
C TYR B 7 16.31 -32.96 1.01
N ARG B 8 15.50 -32.30 0.18
CA ARG B 8 15.28 -32.78 -1.19
C ARG B 8 16.25 -32.09 -2.17
N ILE B 9 16.25 -32.55 -3.43
CA ILE B 9 16.91 -31.87 -4.54
C ILE B 9 16.03 -31.96 -5.78
N GLU B 10 15.92 -30.83 -6.52
CA GLU B 10 15.09 -30.71 -7.74
C GLU B 10 15.87 -29.94 -8.79
N LYS B 11 15.41 -29.94 -10.06
CA LYS B 11 16.18 -29.28 -11.11
C LYS B 11 15.29 -28.64 -12.16
N ASP B 12 15.83 -27.61 -12.85
CA ASP B 12 15.11 -26.84 -13.88
C ASP B 12 16.19 -26.28 -14.82
N PHE B 13 15.78 -25.58 -15.91
CA PHE B 13 16.75 -25.04 -16.87
C PHE B 13 17.84 -24.27 -16.14
N LEU B 14 17.39 -23.44 -15.20
CA LEU B 14 18.27 -22.57 -14.45
C LEU B 14 19.27 -23.41 -13.65
N GLY B 15 18.82 -24.53 -13.05
CA GLY B 15 19.77 -25.40 -12.36
C GLY B 15 19.12 -26.24 -11.27
N GLU B 16 19.93 -26.69 -10.31
CA GLU B 16 19.52 -27.59 -9.25
C GLU B 16 19.29 -26.77 -7.99
N LYS B 17 18.28 -27.17 -7.20
CA LYS B 17 17.96 -26.43 -5.99
C LYS B 17 17.71 -27.36 -4.81
N LYS B 18 18.19 -26.95 -3.63
CA LYS B 18 17.96 -27.67 -2.38
C LYS B 18 16.63 -27.22 -1.76
N ILE B 19 15.66 -28.13 -1.75
CA ILE B 19 14.37 -27.90 -1.13
C ILE B 19 14.40 -28.56 0.24
N PRO B 20 13.99 -27.88 1.34
CA PRO B 20 13.64 -28.59 2.58
C PRO B 20 12.76 -29.79 2.25
N ALA B 21 12.90 -30.87 3.03
CA ALA B 21 12.18 -32.11 2.77
C ALA B 21 10.74 -31.99 3.25
N ASP B 22 10.53 -31.15 4.29
CA ASP B 22 9.20 -30.91 4.80
C ASP B 22 8.36 -30.18 3.75
N ALA B 23 9.01 -29.42 2.86
CA ALA B 23 8.35 -28.51 1.95
C ALA B 23 7.60 -29.25 0.83
N TYR B 24 6.31 -28.92 0.68
CA TYR B 24 5.48 -29.39 -0.41
C TYR B 24 5.69 -28.53 -1.65
N TYR B 25 6.34 -27.37 -1.47
CA TYR B 25 6.58 -26.45 -2.56
C TYR B 25 7.83 -26.85 -3.32
N GLY B 26 7.90 -26.49 -4.61
CA GLY B 26 8.92 -26.98 -5.50
C GLY B 26 9.98 -25.93 -5.82
N ILE B 27 10.60 -26.05 -7.01
CA ILE B 27 11.74 -25.22 -7.37
C ILE B 27 11.24 -23.88 -7.92
N GLN B 28 10.21 -23.93 -8.76
CA GLN B 28 9.74 -22.72 -9.39
C GLN B 28 9.26 -21.75 -8.31
N THR B 29 8.78 -22.27 -7.18
CA THR B 29 8.43 -21.44 -6.04
C THR B 29 9.69 -20.90 -5.36
N LEU B 30 10.73 -21.74 -5.29
CA LEU B 30 11.97 -21.37 -4.64
C LEU B 30 12.64 -20.25 -5.44
N ARG B 31 12.56 -20.33 -6.77
CA ARG B 31 13.14 -19.30 -7.61
C ARG B 31 12.50 -17.95 -7.27
N ALA B 32 11.17 -17.95 -7.14
CA ALA B 32 10.39 -16.72 -7.02
C ALA B 32 10.60 -16.09 -5.64
N THR B 33 10.79 -16.94 -4.62
CA THR B 33 11.08 -16.44 -3.28
C THR B 33 12.46 -15.79 -3.27
N GLU B 34 13.37 -16.22 -4.16
CA GLU B 34 14.67 -15.58 -4.27
C GLU B 34 14.58 -14.37 -5.18
N ASN B 35 13.77 -14.48 -6.24
CA ASN B 35 13.67 -13.45 -7.26
C ASN B 35 12.94 -12.21 -6.73
N PHE B 36 11.95 -12.43 -5.85
CA PHE B 36 11.04 -11.36 -5.44
C PHE B 36 10.92 -11.35 -3.93
N PRO B 37 12.03 -11.05 -3.22
CA PRO B 37 12.00 -10.86 -1.77
C PRO B 37 11.62 -9.41 -1.47
N ILE B 38 10.34 -9.08 -1.71
CA ILE B 38 9.95 -7.68 -1.76
C ILE B 38 9.34 -7.25 -0.43
N THR B 39 8.16 -7.78 -0.10
CA THR B 39 7.45 -7.40 1.10
C THR B 39 7.61 -8.49 2.15
N GLY B 40 7.87 -9.70 1.65
CA GLY B 40 7.73 -10.94 2.43
C GLY B 40 6.36 -11.09 3.07
N TYR B 41 5.29 -10.56 2.47
CA TYR B 41 3.96 -10.93 2.90
C TYR B 41 3.63 -12.30 2.29
N ARG B 42 2.45 -12.81 2.63
CA ARG B 42 1.94 -14.02 2.00
C ARG B 42 0.67 -13.63 1.22
N ILE B 43 0.37 -14.40 0.17
CA ILE B 43 -0.79 -14.10 -0.64
C ILE B 43 -2.03 -14.32 0.21
N HIS B 44 -3.10 -13.58 -0.09
CA HIS B 44 -4.27 -13.59 0.77
C HIS B 44 -4.75 -15.03 0.91
N GLU B 45 -5.34 -15.34 2.07
CA GLU B 45 -5.75 -16.69 2.40
C GLU B 45 -6.86 -17.12 1.44
N GLU B 46 -7.68 -16.14 1.08
CA GLU B 46 -8.88 -16.40 0.33
C GLU B 46 -8.54 -16.67 -1.14
N LEU B 47 -7.35 -16.19 -1.56
CA LEU B 47 -6.82 -16.50 -2.89
C LEU B 47 -6.36 -17.94 -2.93
N ILE B 48 -5.67 -18.38 -1.87
CA ILE B 48 -5.17 -19.74 -1.81
C ILE B 48 -6.37 -20.68 -1.96
N ARG B 49 -7.41 -20.46 -1.14
CA ARG B 49 -8.64 -21.24 -1.22
C ARG B 49 -9.16 -21.26 -2.67
N ALA B 50 -9.18 -20.09 -3.30
CA ALA B 50 -9.76 -20.00 -4.63
C ALA B 50 -8.91 -20.80 -5.61
N LEU B 51 -7.58 -20.66 -5.48
CA LEU B 51 -6.63 -21.33 -6.36
C LEU B 51 -6.87 -22.84 -6.34
N ALA B 52 -7.14 -23.36 -5.13
CA ALA B 52 -7.42 -24.77 -4.92
C ALA B 52 -8.75 -25.17 -5.58
N MET B 53 -9.78 -24.31 -5.44
CA MET B 53 -11.06 -24.57 -6.08
C MET B 53 -10.88 -24.73 -7.59
N VAL B 54 -9.97 -23.94 -8.17
CA VAL B 54 -9.80 -23.94 -9.61
C VAL B 54 -9.12 -25.22 -10.06
N LYS B 55 -8.00 -25.58 -9.40
CA LYS B 55 -7.21 -26.73 -9.81
C LYS B 55 -8.03 -28.01 -9.71
N LYS B 56 -8.96 -28.01 -8.74
CA LYS B 56 -9.92 -29.08 -8.52
C LYS B 56 -10.89 -29.16 -9.70
N ALA B 57 -11.64 -28.09 -9.95
CA ALA B 57 -12.53 -28.04 -11.11
C ALA B 57 -11.77 -28.46 -12.37
N ALA B 58 -10.47 -28.12 -12.44
CA ALA B 58 -9.66 -28.40 -13.62
C ALA B 58 -9.35 -29.89 -13.70
N ALA B 59 -8.87 -30.46 -12.59
CA ALA B 59 -8.73 -31.90 -12.50
C ALA B 59 -10.05 -32.59 -12.88
N LEU B 60 -11.14 -32.28 -12.16
CA LEU B 60 -12.43 -32.88 -12.40
C LEU B 60 -12.78 -32.86 -13.89
N ALA B 61 -12.56 -31.72 -14.54
CA ALA B 61 -12.92 -31.56 -15.93
C ALA B 61 -12.01 -32.40 -16.83
N ASN B 62 -10.74 -32.53 -16.46
CA ASN B 62 -9.77 -33.25 -17.26
C ASN B 62 -9.97 -34.76 -17.15
N MET B 63 -10.60 -35.22 -16.05
CA MET B 63 -11.00 -36.61 -15.91
C MET B 63 -12.27 -36.85 -16.74
N GLU B 64 -13.27 -35.96 -16.61
CA GLU B 64 -14.50 -36.05 -17.39
C GLU B 64 -14.26 -36.14 -18.89
N THR B 65 -13.15 -35.57 -19.38
CA THR B 65 -12.85 -35.62 -20.81
C THR B 65 -11.76 -36.66 -21.06
N LYS B 66 -11.54 -37.53 -20.07
CA LYS B 66 -10.72 -38.72 -20.21
C LYS B 66 -9.37 -38.37 -20.83
N ARG B 67 -8.79 -37.27 -20.33
CA ARG B 67 -7.44 -36.89 -20.70
C ARG B 67 -6.52 -36.94 -19.48
N LEU B 68 -7.06 -36.72 -18.27
CA LEU B 68 -6.29 -36.91 -17.06
C LEU B 68 -6.67 -38.25 -16.43
N PRO B 69 -5.69 -39.15 -16.16
CA PRO B 69 -5.94 -40.39 -15.40
C PRO B 69 -6.61 -40.18 -14.04
N ALA B 70 -7.71 -40.90 -13.77
CA ALA B 70 -8.42 -40.79 -12.51
C ALA B 70 -7.52 -41.12 -11.31
N HIS B 71 -6.51 -41.97 -11.54
CA HIS B 71 -5.40 -42.27 -10.63
C HIS B 71 -4.86 -40.99 -9.98
N ILE B 72 -4.50 -40.03 -10.84
CA ILE B 72 -3.77 -38.83 -10.44
C ILE B 72 -4.79 -37.78 -10.01
N GLY B 73 -5.81 -37.56 -10.84
CA GLY B 73 -6.80 -36.53 -10.63
C GLY B 73 -7.47 -36.59 -9.26
N GLU B 74 -7.80 -37.80 -8.79
CA GLU B 74 -8.51 -37.91 -7.52
C GLU B 74 -7.57 -37.54 -6.37
N ALA B 75 -6.27 -37.83 -6.56
CA ALA B 75 -5.27 -37.48 -5.56
C ALA B 75 -5.12 -35.97 -5.47
N ILE B 76 -5.15 -35.34 -6.64
CA ILE B 76 -5.16 -33.89 -6.78
C ILE B 76 -6.41 -33.33 -6.10
N VAL B 77 -7.58 -33.80 -6.54
CA VAL B 77 -8.86 -33.37 -5.96
C VAL B 77 -8.81 -33.48 -4.44
N ALA B 78 -8.20 -34.57 -3.96
CA ALA B 78 -8.12 -34.80 -2.52
C ALA B 78 -7.29 -33.70 -1.87
N ALA B 79 -6.18 -33.34 -2.54
CA ALA B 79 -5.23 -32.38 -2.01
C ALA B 79 -5.87 -30.98 -2.03
N CYS B 80 -6.51 -30.67 -3.16
CA CYS B 80 -7.27 -29.43 -3.27
C CYS B 80 -8.21 -29.28 -2.09
N ASP B 81 -9.01 -30.33 -1.86
CA ASP B 81 -10.09 -30.28 -0.88
C ASP B 81 -9.54 -29.91 0.50
N GLU B 82 -8.30 -30.33 0.78
CA GLU B 82 -7.66 -30.04 2.06
C GLU B 82 -7.23 -28.57 2.14
N ILE B 83 -6.65 -28.07 1.04
CA ILE B 83 -6.23 -26.68 0.97
C ILE B 83 -7.47 -25.81 1.09
N ILE B 84 -8.57 -26.21 0.41
CA ILE B 84 -9.85 -25.54 0.52
C ILE B 84 -10.31 -25.50 1.97
N ALA B 85 -10.10 -26.60 2.69
CA ALA B 85 -10.50 -26.75 4.08
C ALA B 85 -9.60 -25.89 4.96
N GLY B 86 -8.38 -25.63 4.48
CA GLY B 86 -7.52 -24.65 5.08
C GLY B 86 -6.23 -25.27 5.61
N GLN B 87 -5.78 -26.36 4.98
CA GLN B 87 -4.65 -27.08 5.50
C GLN B 87 -3.38 -26.34 5.09
N TRP B 88 -3.02 -26.39 3.82
CA TRP B 88 -1.61 -26.27 3.49
C TRP B 88 -1.20 -24.83 3.17
N HIS B 89 -1.85 -23.86 3.83
CA HIS B 89 -1.66 -22.46 3.50
C HIS B 89 -0.21 -22.04 3.71
N ASP B 90 0.41 -22.55 4.78
CA ASP B 90 1.76 -22.17 5.19
C ASP B 90 2.77 -22.47 4.09
N GLN B 91 2.39 -23.26 3.07
CA GLN B 91 3.28 -23.68 1.99
C GLN B 91 3.26 -22.72 0.81
N PHE B 92 2.25 -21.82 0.78
CA PHE B 92 2.20 -20.74 -0.19
C PHE B 92 3.09 -19.59 0.28
N ILE B 93 4.24 -19.42 -0.37
CA ILE B 93 5.32 -18.61 0.19
C ILE B 93 5.85 -17.59 -0.82
N VAL B 94 5.21 -17.46 -1.99
CA VAL B 94 5.65 -16.44 -2.93
C VAL B 94 5.06 -15.11 -2.51
N ASP B 95 5.75 -14.04 -2.95
CA ASP B 95 5.52 -12.67 -2.51
C ASP B 95 4.42 -12.04 -3.35
N PRO B 96 3.40 -11.36 -2.74
CA PRO B 96 2.26 -10.84 -3.51
C PRO B 96 2.71 -9.90 -4.61
N ILE B 97 3.75 -9.11 -4.30
CA ILE B 97 4.44 -8.28 -5.28
C ILE B 97 5.56 -9.08 -5.92
N GLN B 98 5.34 -9.48 -7.18
CA GLN B 98 6.25 -10.38 -7.89
C GLN B 98 6.20 -10.17 -9.40
N GLY B 99 7.33 -10.41 -10.06
CA GLY B 99 7.37 -10.48 -11.51
C GLY B 99 6.66 -11.72 -12.05
N GLY B 100 6.55 -11.75 -13.39
CA GLY B 100 6.04 -12.91 -14.09
C GLY B 100 4.52 -12.97 -14.13
N ALA B 101 3.83 -11.85 -13.81
CA ALA B 101 2.41 -11.73 -14.09
C ALA B 101 1.57 -12.67 -13.24
N GLY B 102 2.14 -13.29 -12.21
CA GLY B 102 1.39 -14.20 -11.36
C GLY B 102 1.58 -15.66 -11.76
N THR B 103 2.69 -15.95 -12.46
CA THR B 103 3.05 -17.32 -12.80
C THR B 103 3.59 -18.00 -11.54
N SER B 104 4.42 -17.29 -10.79
CA SER B 104 4.99 -17.86 -9.58
C SER B 104 3.91 -18.14 -8.53
N ILE B 105 2.71 -17.54 -8.63
CA ILE B 105 1.61 -17.92 -7.74
C ILE B 105 1.01 -19.23 -8.24
N ASN B 106 0.63 -19.25 -9.51
CA ASN B 106 0.10 -20.44 -10.15
C ASN B 106 1.02 -21.63 -9.84
N MET B 107 2.34 -21.46 -10.01
CA MET B 107 3.27 -22.55 -9.82
C MET B 107 3.32 -23.01 -8.37
N ASN B 108 3.13 -22.08 -7.42
CA ASN B 108 3.20 -22.42 -6.00
C ASN B 108 2.06 -23.38 -5.67
N ALA B 109 0.89 -23.14 -6.27
CA ALA B 109 -0.24 -24.04 -6.13
C ALA B 109 0.08 -25.37 -6.81
N ASN B 110 0.61 -25.29 -8.03
CA ASN B 110 0.86 -26.48 -8.81
C ASN B 110 1.78 -27.43 -8.02
N GLU B 111 2.88 -26.86 -7.52
CA GLU B 111 3.92 -27.62 -6.84
C GLU B 111 3.45 -28.15 -5.48
N VAL B 112 2.54 -27.43 -4.80
CA VAL B 112 2.06 -27.91 -3.51
C VAL B 112 0.98 -28.97 -3.73
N ILE B 113 0.01 -28.70 -4.61
CA ILE B 113 -1.06 -29.68 -4.83
C ILE B 113 -0.46 -31.01 -5.32
N ALA B 114 0.60 -30.95 -6.14
CA ALA B 114 1.24 -32.16 -6.66
C ALA B 114 1.87 -32.97 -5.52
N ASN B 115 2.78 -32.34 -4.77
CA ASN B 115 3.52 -33.02 -3.72
C ASN B 115 2.61 -33.55 -2.62
N ARG B 116 1.38 -33.01 -2.51
CA ARG B 116 0.47 -33.45 -1.48
C ARG B 116 -0.51 -34.46 -2.06
N ALA B 117 -0.70 -34.44 -3.38
CA ALA B 117 -1.41 -35.53 -4.06
C ALA B 117 -0.54 -36.77 -4.05
N LEU B 118 0.79 -36.58 -4.16
CA LEU B 118 1.77 -37.66 -4.02
C LEU B 118 1.57 -38.35 -2.66
N GLU B 119 1.85 -37.62 -1.58
CA GLU B 119 1.62 -38.13 -0.24
C GLU B 119 0.33 -38.94 -0.15
N ILE B 120 -0.75 -38.48 -0.79
CA ILE B 120 -2.06 -39.11 -0.64
C ILE B 120 -2.16 -40.37 -1.51
N MET B 121 -1.24 -40.53 -2.48
CA MET B 121 -1.03 -41.80 -3.18
C MET B 121 -0.01 -42.68 -2.46
N GLY B 122 0.37 -42.32 -1.23
CA GLY B 122 1.37 -43.07 -0.48
C GLY B 122 2.81 -42.76 -0.91
N LYS B 123 3.00 -42.09 -2.06
CA LYS B 123 4.33 -41.85 -2.61
C LYS B 123 5.01 -40.72 -1.84
N LYS B 124 6.17 -40.27 -2.32
CA LYS B 124 6.93 -39.25 -1.62
C LYS B 124 7.02 -38.00 -2.50
N LYS B 125 7.26 -36.87 -1.83
CA LYS B 125 7.38 -35.59 -2.50
C LYS B 125 8.56 -35.63 -3.46
N GLY B 126 8.44 -34.89 -4.57
CA GLY B 126 9.49 -34.85 -5.57
C GLY B 126 9.39 -36.02 -6.53
N ASP B 127 8.41 -36.91 -6.31
CA ASP B 127 8.12 -37.95 -7.29
C ASP B 127 7.20 -37.32 -8.34
N TYR B 128 7.67 -36.25 -8.97
CA TYR B 128 6.87 -35.56 -9.94
C TYR B 128 6.53 -36.50 -11.08
N PHE B 129 7.29 -37.59 -11.17
CA PHE B 129 7.04 -38.56 -12.21
C PHE B 129 5.59 -39.01 -12.13
N HIS B 130 5.14 -39.38 -10.92
CA HIS B 130 3.75 -39.77 -10.71
C HIS B 130 2.81 -38.58 -10.93
N VAL B 131 3.11 -37.42 -10.34
CA VAL B 131 2.19 -36.28 -10.39
C VAL B 131 3.00 -35.06 -10.83
N ARG B 132 2.68 -34.51 -12.01
CA ARG B 132 3.51 -33.48 -12.63
C ARG B 132 2.88 -32.10 -12.44
N PRO B 133 3.62 -31.12 -11.85
CA PRO B 133 3.09 -29.76 -11.69
C PRO B 133 2.55 -29.15 -12.99
N ASN B 134 3.36 -29.14 -14.06
CA ASN B 134 2.93 -28.53 -15.31
C ASN B 134 1.84 -29.37 -15.98
N SER B 135 2.15 -30.65 -16.24
CA SER B 135 1.42 -31.42 -17.22
C SER B 135 0.10 -31.96 -16.68
N ASP B 136 -0.01 -32.13 -15.35
CA ASP B 136 -1.16 -32.77 -14.73
C ASP B 136 -1.98 -31.77 -13.92
N VAL B 137 -1.34 -31.15 -12.91
CA VAL B 137 -2.04 -30.22 -12.02
C VAL B 137 -2.58 -29.08 -12.87
N ASN B 138 -1.74 -28.61 -13.82
CA ASN B 138 -1.97 -27.39 -14.58
C ASN B 138 -2.42 -27.68 -16.02
N MET B 139 -3.03 -28.84 -16.26
CA MET B 139 -3.44 -29.27 -17.59
C MET B 139 -4.61 -28.42 -18.09
N SER B 140 -4.65 -28.12 -19.40
CA SER B 140 -5.71 -27.34 -20.04
C SER B 140 -5.74 -25.88 -19.56
N GLN B 141 -4.64 -25.45 -18.91
CA GLN B 141 -4.61 -24.22 -18.16
C GLN B 141 -3.34 -23.44 -18.47
N SER B 142 -3.46 -22.11 -18.42
CA SER B 142 -2.30 -21.25 -18.26
C SER B 142 -2.45 -20.48 -16.96
N THR B 143 -1.32 -19.89 -16.52
CA THR B 143 -1.33 -18.81 -15.55
C THR B 143 -2.49 -17.86 -15.82
N ASN B 144 -2.71 -17.57 -17.12
CA ASN B 144 -3.47 -16.42 -17.54
C ASN B 144 -4.97 -16.66 -17.47
N ASP B 145 -5.40 -17.88 -17.08
CA ASP B 145 -6.82 -18.16 -16.85
C ASP B 145 -7.05 -18.68 -15.43
N ALA B 146 -6.13 -19.50 -14.92
CA ALA B 146 -6.27 -20.02 -13.56
C ALA B 146 -6.19 -18.90 -12.54
N PHE B 147 -5.09 -18.12 -12.62
CA PHE B 147 -4.82 -17.08 -11.64
C PHE B 147 -5.99 -16.09 -11.57
N PRO B 148 -6.39 -15.42 -12.70
CA PRO B 148 -7.54 -14.51 -12.66
C PRO B 148 -8.86 -15.15 -12.22
N THR B 149 -9.15 -16.36 -12.69
CA THR B 149 -10.39 -17.03 -12.33
C THR B 149 -10.43 -17.20 -10.80
N ALA B 150 -9.28 -17.53 -10.22
CA ALA B 150 -9.16 -17.59 -8.77
C ALA B 150 -9.48 -16.23 -8.20
N VAL B 151 -8.76 -15.21 -8.68
CA VAL B 151 -8.88 -13.85 -8.19
C VAL B 151 -10.35 -13.46 -8.18
N HIS B 152 -11.07 -13.80 -9.27
CA HIS B 152 -12.47 -13.44 -9.41
C HIS B 152 -13.30 -14.03 -8.27
N ILE B 153 -13.01 -15.28 -7.91
CA ILE B 153 -13.77 -15.97 -6.87
C ILE B 153 -13.40 -15.41 -5.49
N ALA B 154 -12.11 -15.17 -5.28
CA ALA B 154 -11.62 -14.56 -4.05
C ALA B 154 -12.31 -13.22 -3.82
N VAL B 155 -12.23 -12.38 -4.84
CA VAL B 155 -12.75 -11.03 -4.74
C VAL B 155 -14.23 -11.10 -4.39
N LEU B 156 -14.95 -12.02 -5.04
CA LEU B 156 -16.38 -12.15 -4.81
C LEU B 156 -16.68 -12.51 -3.35
N THR B 157 -15.92 -13.48 -2.80
CA THR B 157 -16.16 -13.94 -1.44
C THR B 157 -15.95 -12.79 -0.47
N LEU B 158 -14.89 -12.00 -0.70
CA LEU B 158 -14.57 -10.94 0.22
C LEU B 158 -15.62 -9.83 0.15
N LEU B 159 -16.08 -9.55 -1.06
CA LEU B 159 -17.07 -8.49 -1.25
C LEU B 159 -18.36 -8.88 -0.55
N ASP B 160 -18.67 -10.18 -0.56
CA ASP B 160 -19.89 -10.68 0.03
C ASP B 160 -19.79 -10.56 1.54
N HIS B 161 -18.60 -10.81 2.11
CA HIS B 161 -18.35 -10.55 3.51
C HIS B 161 -18.55 -9.05 3.78
N LEU B 162 -18.01 -8.23 2.88
CA LEU B 162 -18.06 -6.79 3.05
C LEU B 162 -19.50 -6.32 3.18
N LEU B 163 -20.34 -6.75 2.24
CA LEU B 163 -21.72 -6.26 2.16
C LEU B 163 -22.55 -6.70 3.36
N GLU B 164 -22.21 -7.88 3.92
CA GLU B 164 -22.80 -8.32 5.18
C GLU B 164 -22.44 -7.29 6.25
N THR B 165 -21.14 -6.97 6.35
CA THR B 165 -20.64 -6.11 7.41
C THR B 165 -21.25 -4.71 7.29
N MET B 166 -21.45 -4.28 6.03
CA MET B 166 -21.93 -2.95 5.74
C MET B 166 -23.43 -2.90 5.99
N GLU B 167 -24.11 -3.99 5.59
CA GLU B 167 -25.54 -4.10 5.82
C GLU B 167 -25.75 -3.93 7.32
N ARG B 168 -24.88 -4.57 8.13
CA ARG B 168 -24.95 -4.44 9.59
C ARG B 168 -24.63 -3.00 9.99
N MET B 169 -23.60 -2.40 9.38
CA MET B 169 -23.23 -1.03 9.71
C MET B 169 -24.39 -0.07 9.40
N ARG B 170 -25.08 -0.26 8.27
CA ARG B 170 -26.18 0.61 7.88
C ARG B 170 -27.28 0.53 8.93
N ASP B 171 -27.53 -0.69 9.38
CA ASP B 171 -28.54 -0.95 10.38
C ASP B 171 -28.18 -0.14 11.63
N ALA B 172 -26.89 -0.10 11.97
CA ALA B 172 -26.42 0.56 13.18
C ALA B 172 -26.69 2.06 13.11
N PHE B 173 -26.31 2.68 12.01
CA PHE B 173 -26.54 4.10 11.82
C PHE B 173 -28.04 4.40 11.85
N ALA B 174 -28.83 3.54 11.20
CA ALA B 174 -30.27 3.73 11.08
C ALA B 174 -30.95 3.82 12.46
N GLU B 175 -30.48 3.00 13.43
CA GLU B 175 -30.97 3.05 14.80
C GLU B 175 -30.70 4.45 15.39
N LYS B 176 -29.48 4.94 15.20
CA LYS B 176 -29.08 6.22 15.77
C LYS B 176 -29.84 7.36 15.13
N ALA B 177 -30.32 7.14 13.89
CA ALA B 177 -31.17 8.11 13.22
C ALA B 177 -32.46 8.27 14.01
N LYS B 178 -33.05 7.12 14.37
CA LYS B 178 -34.31 7.09 15.08
C LYS B 178 -34.09 7.57 16.51
N ALA B 179 -33.04 7.08 17.18
CA ALA B 179 -32.75 7.44 18.55
C ALA B 179 -32.58 8.95 18.71
N PHE B 180 -31.93 9.59 17.74
CA PHE B 180 -31.54 10.99 17.86
C PHE B 180 -32.48 11.91 17.08
N ASP B 181 -33.59 11.35 16.56
CA ASP B 181 -34.52 12.13 15.75
C ASP B 181 -35.02 13.37 16.51
N PRO B 182 -35.35 13.30 17.82
CA PRO B 182 -35.90 14.45 18.53
C PRO B 182 -34.91 15.47 19.09
N TYR B 183 -33.60 15.20 18.97
CA TYR B 183 -32.60 16.10 19.55
C TYR B 183 -32.28 17.26 18.59
N ILE B 184 -32.47 18.49 19.06
CA ILE B 184 -32.23 19.68 18.26
C ILE B 184 -30.79 20.16 18.48
N LYS B 185 -30.16 20.69 17.42
CA LYS B 185 -28.81 21.23 17.50
C LYS B 185 -28.61 22.30 16.42
N MET B 186 -27.45 22.97 16.44
CA MET B 186 -27.12 23.93 15.39
C MET B 186 -26.46 23.21 14.21
N GLY B 187 -27.11 23.28 13.05
CA GLY B 187 -26.44 22.97 11.80
C GLY B 187 -25.27 23.94 11.59
N ARG B 188 -24.14 23.42 11.08
CA ARG B 188 -23.02 24.26 10.76
C ARG B 188 -22.67 24.13 9.28
N ILE B 189 -22.14 25.21 8.73
CA ILE B 189 -21.96 25.41 7.30
C ILE B 189 -20.72 26.28 7.15
N HIS B 190 -19.67 25.72 6.53
CA HIS B 190 -18.34 26.32 6.53
C HIS B 190 -17.78 26.37 7.95
N LEU B 191 -18.38 25.56 8.85
CA LEU B 191 -18.12 25.53 10.28
C LEU B 191 -18.75 26.74 10.98
N GLN B 192 -19.41 27.62 10.21
CA GLN B 192 -20.11 28.74 10.80
C GLN B 192 -21.53 28.31 11.16
N ASP B 193 -22.04 28.85 12.29
CA ASP B 193 -23.35 28.50 12.80
C ASP B 193 -24.40 28.93 11.78
N ALA B 194 -25.28 28.00 11.39
CA ALA B 194 -26.24 28.30 10.35
C ALA B 194 -27.67 28.21 10.90
N VAL B 195 -28.31 27.05 10.76
CA VAL B 195 -29.73 26.94 11.04
C VAL B 195 -29.97 25.65 11.82
N PRO B 196 -31.06 25.58 12.62
CA PRO B 196 -31.39 24.37 13.37
C PRO B 196 -31.57 23.13 12.51
N ILE B 197 -31.16 22.00 13.08
CA ILE B 197 -31.27 20.68 12.49
C ILE B 197 -31.33 19.68 13.64
N ARG B 198 -31.93 18.50 13.41
CA ARG B 198 -31.95 17.49 14.44
C ARG B 198 -30.82 16.49 14.21
N LEU B 199 -30.13 16.13 15.30
CA LEU B 199 -29.01 15.21 15.24
C LEU B 199 -29.38 14.00 14.39
N GLY B 200 -30.60 13.50 14.55
CA GLY B 200 -31.07 12.32 13.84
C GLY B 200 -31.11 12.50 12.33
N GLN B 201 -31.37 13.73 11.86
CA GLN B 201 -31.35 14.02 10.43
C GLN B 201 -29.93 13.85 9.88
N GLU B 202 -28.92 14.19 10.70
CA GLU B 202 -27.53 14.00 10.33
C GLU B 202 -27.24 12.51 10.20
N PHE B 203 -27.81 11.71 11.09
CA PHE B 203 -27.50 10.29 11.08
C PHE B 203 -28.29 9.59 9.96
N GLU B 204 -29.45 10.13 9.58
CA GLU B 204 -30.15 9.61 8.42
C GLU B 204 -29.28 9.85 7.19
N ALA B 205 -28.67 11.03 7.14
CA ALA B 205 -27.79 11.37 6.04
C ALA B 205 -26.68 10.33 5.90
N TYR B 206 -26.05 10.01 7.03
CA TYR B 206 -25.03 8.97 7.03
C TYR B 206 -25.67 7.67 6.53
N THR B 207 -26.87 7.34 7.03
CA THR B 207 -27.47 6.05 6.73
C THR B 207 -27.67 5.87 5.22
N ARG B 208 -28.00 6.95 4.51
CA ARG B 208 -28.42 6.82 3.13
C ARG B 208 -27.22 6.76 2.20
N VAL B 209 -26.16 7.51 2.51
CA VAL B 209 -24.94 7.45 1.73
C VAL B 209 -24.42 6.01 1.78
N ILE B 210 -24.62 5.36 2.92
CA ILE B 210 -24.18 3.99 3.10
C ILE B 210 -25.08 3.06 2.29
N GLU B 211 -26.40 3.32 2.30
CA GLU B 211 -27.32 2.56 1.47
C GLU B 211 -26.76 2.54 0.05
N ARG B 212 -26.29 3.71 -0.42
CA ARG B 212 -25.84 3.87 -1.79
C ARG B 212 -24.52 3.15 -2.00
N ASP B 213 -23.62 3.23 -1.02
CA ASP B 213 -22.35 2.54 -1.14
C ASP B 213 -22.59 1.05 -1.34
N ILE B 214 -23.56 0.50 -0.60
CA ILE B 214 -23.84 -0.93 -0.66
C ILE B 214 -24.28 -1.29 -2.08
N GLN B 215 -25.16 -0.48 -2.67
CA GLN B 215 -25.68 -0.75 -4.00
C GLN B 215 -24.57 -0.72 -5.03
N ARG B 216 -23.63 0.23 -4.91
CA ARG B 216 -22.54 0.37 -5.86
C ARG B 216 -21.55 -0.80 -5.76
N ILE B 217 -21.28 -1.24 -4.53
CA ILE B 217 -20.33 -2.32 -4.34
C ILE B 217 -20.97 -3.63 -4.77
N LYS B 218 -22.26 -3.80 -4.45
CA LYS B 218 -23.02 -4.95 -4.94
C LYS B 218 -22.84 -5.04 -6.44
N GLN B 219 -23.12 -3.95 -7.15
CA GLN B 219 -23.06 -3.95 -8.60
C GLN B 219 -21.66 -4.27 -9.13
N SER B 220 -20.62 -3.86 -8.41
CA SER B 220 -19.26 -4.00 -8.93
C SER B 220 -18.95 -5.47 -9.24
N ARG B 221 -19.67 -6.35 -8.54
CA ARG B 221 -19.51 -7.80 -8.63
C ARG B 221 -19.93 -8.38 -9.97
N GLY B 222 -20.95 -7.79 -10.60
CA GLY B 222 -21.55 -8.35 -11.79
C GLY B 222 -20.49 -8.84 -12.78
N HIS B 223 -19.52 -7.97 -13.08
CA HIS B 223 -18.53 -8.23 -14.11
C HIS B 223 -17.59 -9.36 -13.69
N LEU B 224 -17.48 -9.63 -12.37
CA LEU B 224 -16.59 -10.65 -11.85
C LEU B 224 -17.09 -12.06 -12.09
N TYR B 225 -18.43 -12.21 -12.22
CA TYR B 225 -19.08 -13.51 -12.40
C TYR B 225 -18.64 -14.14 -13.71
N GLU B 226 -18.29 -13.31 -14.70
CA GLU B 226 -17.72 -13.78 -15.95
C GLU B 226 -16.26 -14.16 -15.73
N ILE B 227 -15.88 -15.37 -16.16
CA ILE B 227 -14.53 -15.89 -15.92
C ILE B 227 -13.94 -16.40 -17.23
N ASN B 228 -12.61 -16.35 -17.36
CA ASN B 228 -11.94 -16.54 -18.64
C ASN B 228 -11.39 -17.96 -18.76
N MET B 229 -11.96 -18.89 -18.00
CA MET B 229 -11.37 -20.21 -17.84
C MET B 229 -11.36 -20.92 -19.20
N GLY B 230 -10.18 -21.43 -19.59
CA GLY B 230 -10.00 -22.09 -20.87
C GLY B 230 -9.54 -21.10 -21.94
N ALA B 231 -9.09 -19.93 -21.50
CA ALA B 231 -8.49 -18.95 -22.39
C ALA B 231 -7.08 -19.38 -22.74
N THR B 232 -6.46 -20.12 -21.81
CA THR B 232 -5.08 -20.56 -21.95
C THR B 232 -4.19 -19.32 -22.07
N ALA B 233 -3.30 -19.27 -23.08
CA ALA B 233 -2.24 -18.26 -23.15
C ALA B 233 -2.82 -16.85 -23.31
N VAL B 234 -3.67 -16.64 -24.31
CA VAL B 234 -3.92 -15.32 -24.87
C VAL B 234 -5.40 -14.95 -24.95
N GLY B 235 -6.27 -15.96 -24.94
CA GLY B 235 -7.70 -15.80 -25.13
C GLY B 235 -8.21 -16.70 -26.25
N THR B 236 -7.28 -17.12 -27.14
CA THR B 236 -7.55 -17.96 -28.29
C THR B 236 -8.08 -19.32 -27.85
N GLY B 237 -7.75 -19.76 -26.64
CA GLY B 237 -8.28 -20.99 -26.08
C GLY B 237 -7.63 -22.22 -26.72
N LEU B 238 -6.38 -22.02 -27.16
CA LEU B 238 -5.53 -23.07 -27.71
C LEU B 238 -5.18 -24.07 -26.61
N ASN B 239 -5.28 -25.36 -26.93
CA ASN B 239 -4.92 -26.48 -26.07
C ASN B 239 -6.02 -26.79 -25.07
N ALA B 240 -7.19 -26.14 -25.23
CA ALA B 240 -8.33 -26.41 -24.36
C ALA B 240 -9.47 -26.96 -25.23
N ASP B 241 -10.06 -28.06 -24.77
CA ASP B 241 -11.15 -28.70 -25.48
C ASP B 241 -12.46 -28.04 -25.07
N PRO B 242 -13.34 -27.59 -26.00
CA PRO B 242 -14.58 -26.93 -25.61
C PRO B 242 -15.38 -27.70 -24.56
N ARG B 243 -15.23 -29.04 -24.58
CA ARG B 243 -15.89 -29.90 -23.61
C ARG B 243 -15.33 -29.66 -22.21
N TYR B 244 -14.00 -29.50 -22.12
CA TYR B 244 -13.30 -29.14 -20.88
C TYR B 244 -13.77 -27.76 -20.43
N ILE B 245 -13.90 -26.84 -21.38
CA ILE B 245 -14.29 -25.47 -21.08
C ILE B 245 -15.69 -25.47 -20.50
N GLU B 246 -16.62 -26.20 -21.13
CA GLU B 246 -17.99 -26.27 -20.65
C GLU B 246 -18.04 -26.91 -19.25
N SER B 247 -17.22 -27.95 -19.07
CA SER B 247 -17.22 -28.71 -17.83
C SER B 247 -16.62 -27.89 -16.69
N VAL B 248 -15.41 -27.38 -16.91
CA VAL B 248 -14.61 -26.76 -15.86
C VAL B 248 -15.38 -25.59 -15.26
N VAL B 249 -16.21 -24.94 -16.08
CA VAL B 249 -17.03 -23.82 -15.56
C VAL B 249 -18.08 -24.40 -14.61
N LYS B 250 -18.93 -25.29 -15.12
CA LYS B 250 -20.01 -25.85 -14.28
C LYS B 250 -19.40 -26.34 -12.97
N HIS B 251 -18.25 -26.99 -13.03
CA HIS B 251 -17.67 -27.42 -11.77
C HIS B 251 -17.36 -26.23 -10.86
N LEU B 252 -16.73 -25.19 -11.43
CA LEU B 252 -16.33 -24.03 -10.66
C LEU B 252 -17.58 -23.42 -10.02
N ARG B 253 -18.69 -23.44 -10.76
CA ARG B 253 -19.96 -22.89 -10.28
C ARG B 253 -20.43 -23.68 -9.06
N GLU B 254 -20.33 -25.01 -9.14
CA GLU B 254 -20.76 -25.88 -8.06
C GLU B 254 -19.81 -25.72 -6.88
N ILE B 255 -18.51 -25.88 -7.14
CA ILE B 255 -17.49 -25.82 -6.11
C ILE B 255 -17.62 -24.50 -5.34
N SER B 256 -17.58 -23.38 -6.07
CA SER B 256 -17.51 -22.06 -5.48
C SER B 256 -18.85 -21.68 -4.83
N GLY B 257 -19.95 -22.04 -5.49
CA GLY B 257 -21.27 -21.63 -5.04
C GLY B 257 -21.67 -20.28 -5.62
N TYR B 258 -20.90 -19.81 -6.61
CA TYR B 258 -21.16 -18.53 -7.27
C TYR B 258 -21.76 -18.77 -8.65
N PRO B 259 -22.67 -17.87 -9.10
CA PRO B 259 -23.25 -17.96 -10.44
C PRO B 259 -22.28 -17.54 -11.54
N LEU B 260 -21.12 -18.21 -11.59
CA LEU B 260 -20.09 -17.94 -12.57
C LEU B 260 -20.59 -18.34 -13.95
N VAL B 261 -20.00 -17.72 -14.97
CA VAL B 261 -20.38 -17.96 -16.35
C VAL B 261 -19.14 -17.74 -17.21
N GLY B 262 -18.97 -18.54 -18.27
CA GLY B 262 -17.88 -18.30 -19.21
C GLY B 262 -18.11 -16.95 -19.89
N ALA B 263 -17.08 -16.11 -19.94
CA ALA B 263 -17.20 -14.80 -20.55
C ALA B 263 -17.33 -15.00 -22.05
N GLU B 264 -18.19 -14.19 -22.69
CA GLU B 264 -18.52 -14.34 -24.10
C GLU B 264 -17.29 -14.24 -24.98
N ASN B 265 -16.38 -13.31 -24.67
CA ASN B 265 -15.11 -13.19 -25.37
C ASN B 265 -13.98 -13.51 -24.40
N LEU B 266 -13.12 -14.47 -24.76
CA LEU B 266 -12.03 -14.92 -23.89
C LEU B 266 -10.80 -14.05 -24.10
N VAL B 267 -10.57 -13.55 -25.31
CA VAL B 267 -9.47 -12.62 -25.55
C VAL B 267 -9.69 -11.35 -24.72
N ASP B 268 -10.95 -10.89 -24.70
CA ASP B 268 -11.37 -9.73 -23.94
C ASP B 268 -11.12 -9.94 -22.45
N ALA B 269 -11.66 -11.03 -21.88
CA ALA B 269 -11.60 -11.23 -20.44
C ALA B 269 -10.18 -11.58 -20.00
N THR B 270 -9.25 -11.77 -20.95
CA THR B 270 -7.87 -12.14 -20.64
C THR B 270 -6.96 -10.91 -20.59
N GLN B 271 -7.31 -9.86 -21.34
CA GLN B 271 -6.40 -8.73 -21.50
C GLN B 271 -6.94 -7.49 -20.77
N ASN B 272 -8.23 -7.46 -20.42
CA ASN B 272 -8.81 -6.26 -19.83
C ASN B 272 -8.96 -6.45 -18.32
N THR B 273 -8.57 -5.44 -17.54
CA THR B 273 -8.55 -5.53 -16.10
C THR B 273 -9.56 -4.56 -15.51
N ASP B 274 -10.65 -4.29 -16.25
CA ASP B 274 -11.55 -3.21 -15.90
C ASP B 274 -12.53 -3.65 -14.82
N ALA B 275 -12.65 -4.97 -14.63
CA ALA B 275 -13.53 -5.48 -13.59
C ALA B 275 -12.98 -5.10 -12.23
N TYR B 276 -11.64 -5.10 -12.13
CA TYR B 276 -10.91 -4.83 -10.90
C TYR B 276 -10.89 -3.32 -10.63
N THR B 277 -10.59 -2.51 -11.65
CA THR B 277 -10.54 -1.07 -11.46
C THR B 277 -11.91 -0.55 -11.05
N GLU B 278 -12.95 -1.27 -11.49
CA GLU B 278 -14.34 -0.92 -11.25
C GLU B 278 -14.70 -1.13 -9.78
N VAL B 279 -14.30 -2.29 -9.24
CA VAL B 279 -14.52 -2.60 -7.84
C VAL B 279 -13.77 -1.59 -6.97
N SER B 280 -12.47 -1.41 -7.23
CA SER B 280 -11.68 -0.47 -6.46
C SER B 280 -12.38 0.88 -6.47
N ALA B 281 -12.77 1.33 -7.66
CA ALA B 281 -13.46 2.60 -7.81
C ALA B 281 -14.63 2.73 -6.82
N ALA B 282 -15.48 1.68 -6.74
CA ALA B 282 -16.66 1.68 -5.88
C ALA B 282 -16.27 1.79 -4.39
N LEU B 283 -15.15 1.16 -4.05
CA LEU B 283 -14.67 1.13 -2.68
C LEU B 283 -14.12 2.50 -2.30
N LYS B 284 -13.41 3.13 -3.24
CA LYS B 284 -12.80 4.41 -2.97
C LYS B 284 -13.91 5.38 -2.60
N VAL B 285 -14.93 5.44 -3.46
CA VAL B 285 -16.10 6.26 -3.20
C VAL B 285 -16.61 6.01 -1.78
N CYS B 286 -16.80 4.73 -1.47
CA CYS B 286 -17.32 4.33 -0.17
C CYS B 286 -16.52 5.01 0.94
N MET B 287 -15.20 4.85 0.90
CA MET B 287 -14.34 5.32 1.97
C MET B 287 -14.26 6.84 2.00
N MET B 288 -14.43 7.54 0.85
CA MET B 288 -14.51 8.99 0.88
C MET B 288 -15.65 9.37 1.82
N ASN B 289 -16.80 8.72 1.62
CA ASN B 289 -18.00 9.02 2.38
C ASN B 289 -17.77 8.74 3.87
N MET B 290 -17.16 7.59 4.16
CA MET B 290 -17.02 7.13 5.53
C MET B 290 -15.99 7.99 6.25
N SER B 291 -14.89 8.27 5.55
CA SER B 291 -13.86 9.12 6.08
C SER B 291 -14.47 10.44 6.51
N LYS B 292 -15.40 10.97 5.70
CA LYS B 292 -16.12 12.18 6.06
C LYS B 292 -16.93 11.96 7.34
N ILE B 293 -17.82 10.96 7.31
CA ILE B 293 -18.66 10.70 8.46
C ILE B 293 -17.80 10.57 9.71
N ALA B 294 -16.66 9.88 9.58
CA ALA B 294 -15.70 9.79 10.67
C ALA B 294 -15.28 11.20 11.14
N ASN B 295 -14.91 12.07 10.20
CA ASN B 295 -14.43 13.39 10.54
C ASN B 295 -15.52 14.16 11.28
N ASP B 296 -16.78 13.95 10.88
CA ASP B 296 -17.91 14.58 11.53
C ASP B 296 -17.96 14.17 13.00
N LEU B 297 -17.91 12.86 13.25
CA LEU B 297 -18.10 12.33 14.60
C LEU B 297 -17.00 12.86 15.51
N ARG B 298 -15.78 12.92 14.99
CA ARG B 298 -14.65 13.40 15.75
C ARG B 298 -14.82 14.87 16.12
N LEU B 299 -15.42 15.66 15.23
CA LEU B 299 -15.78 17.05 15.50
C LEU B 299 -16.79 17.12 16.65
N MET B 300 -17.93 16.45 16.44
CA MET B 300 -19.04 16.53 17.36
C MET B 300 -18.61 16.00 18.72
N ALA B 301 -17.65 15.08 18.71
CA ALA B 301 -17.11 14.53 19.94
C ALA B 301 -15.88 15.35 20.40
N SER B 302 -15.60 16.50 19.79
CA SER B 302 -14.49 17.29 20.25
C SER B 302 -14.82 17.80 21.65
N GLY B 303 -13.80 17.89 22.51
CA GLY B 303 -13.97 18.46 23.83
C GLY B 303 -13.05 17.80 24.85
N PRO B 304 -13.52 17.55 26.10
CA PRO B 304 -14.93 17.59 26.42
C PRO B 304 -15.46 18.93 26.93
N ARG B 305 -14.59 19.95 26.96
CA ARG B 305 -14.95 21.26 27.51
C ARG B 305 -14.76 22.33 26.44
N ALA B 306 -13.54 22.43 25.90
CA ALA B 306 -13.18 23.43 24.90
C ALA B 306 -13.37 22.86 23.50
N GLY B 307 -14.63 22.60 23.15
CA GLY B 307 -14.97 21.88 21.93
C GLY B 307 -16.48 21.74 21.82
N LEU B 308 -16.93 21.21 20.69
CA LEU B 308 -18.34 21.15 20.35
C LEU B 308 -19.11 20.33 21.40
N GLY B 309 -18.63 19.11 21.69
CA GLY B 309 -19.15 18.32 22.79
C GLY B 309 -20.64 18.01 22.63
N GLU B 310 -21.03 17.74 21.38
CA GLU B 310 -22.41 17.42 21.05
C GLU B 310 -22.70 15.94 21.26
N ILE B 311 -21.67 15.07 21.14
CA ILE B 311 -21.82 13.64 21.39
C ILE B 311 -20.65 13.12 22.21
N THR B 312 -20.73 11.81 22.55
CA THR B 312 -19.66 11.06 23.18
C THR B 312 -19.60 9.67 22.56
N LEU B 313 -18.38 9.20 22.30
CA LEU B 313 -18.18 7.88 21.72
C LEU B 313 -17.66 6.95 22.81
N PRO B 314 -18.01 5.65 22.78
CA PRO B 314 -17.44 4.68 23.72
C PRO B 314 -15.94 4.83 23.87
N ALA B 315 -15.45 4.97 25.11
CA ALA B 315 -14.02 4.86 25.39
C ALA B 315 -13.59 3.44 25.07
N ARG B 316 -12.43 3.30 24.40
CA ARG B 316 -11.95 1.99 24.02
C ARG B 316 -10.51 1.81 24.47
N GLN B 317 -9.85 2.88 24.90
CA GLN B 317 -8.52 2.72 25.45
C GLN B 317 -8.11 4.03 26.09
N PRO B 318 -7.09 4.06 26.97
CA PRO B 318 -6.48 5.31 27.42
C PRO B 318 -5.99 6.02 26.17
N GLY B 319 -6.50 7.22 25.92
CA GLY B 319 -6.24 7.91 24.66
C GLY B 319 -4.83 8.48 24.62
N SER B 320 -4.32 8.86 25.80
CA SER B 320 -3.03 9.54 25.95
C SER B 320 -2.17 8.89 27.02
N SER B 321 -0.87 9.22 26.98
CA SER B 321 0.14 8.68 27.88
C SER B 321 0.36 9.58 29.10
N ILE B 322 0.17 10.92 28.97
CA ILE B 322 0.43 11.83 30.09
C ILE B 322 -0.83 12.56 30.56
N ILE B 323 -1.84 12.78 29.71
CA ILE B 323 -3.04 13.48 30.16
C ILE B 323 -3.97 12.49 30.85
N PRO B 324 -4.27 12.65 32.15
CA PRO B 324 -5.24 11.80 32.83
C PRO B 324 -6.67 12.07 32.35
N GLY B 325 -7.42 10.99 32.13
CA GLY B 325 -8.83 11.17 31.74
C GLY B 325 -8.91 11.58 30.30
N MET B 326 -8.16 10.90 29.43
CA MET B 326 -8.16 11.25 27.99
C MET B 326 -8.94 10.18 27.23
N VAL B 327 -10.04 10.58 26.58
CA VAL B 327 -10.78 9.61 25.71
C VAL B 327 -10.70 10.15 24.28
N CYS B 328 -9.98 9.44 23.42
CA CYS B 328 -9.81 9.86 22.04
C CYS B 328 -10.73 9.03 21.14
N PRO B 329 -11.18 9.61 20.02
CA PRO B 329 -12.16 8.94 19.15
C PRO B 329 -11.46 7.93 18.25
N VAL B 330 -10.86 6.90 18.85
CA VAL B 330 -9.88 6.12 18.12
C VAL B 330 -10.54 5.23 17.09
N MET B 331 -11.81 4.85 17.30
CA MET B 331 -12.44 3.98 16.33
C MET B 331 -12.69 4.75 15.02
N ALA B 332 -13.16 5.99 15.11
CA ALA B 332 -13.29 6.83 13.94
C ALA B 332 -11.93 7.03 13.26
N GLU B 333 -10.90 7.31 14.07
CA GLU B 333 -9.58 7.62 13.56
C GLU B 333 -9.11 6.48 12.68
N VAL B 334 -9.40 5.24 13.08
CA VAL B 334 -8.85 4.12 12.34
C VAL B 334 -9.57 4.08 10.99
N ILE B 335 -10.87 4.41 10.97
CA ILE B 335 -11.62 4.51 9.72
C ILE B 335 -10.98 5.53 8.78
N ASN B 336 -10.69 6.73 9.29
CA ASN B 336 -9.98 7.74 8.50
C ASN B 336 -8.76 7.12 7.83
N GLN B 337 -7.94 6.41 8.62
CA GLN B 337 -6.66 5.92 8.17
C GLN B 337 -6.83 4.85 7.12
N ILE B 338 -7.80 3.96 7.34
CA ILE B 338 -8.16 2.96 6.35
C ILE B 338 -8.51 3.63 5.03
N ALA B 339 -9.35 4.67 5.06
CA ALA B 339 -9.74 5.34 3.84
C ALA B 339 -8.50 5.74 3.06
N PHE B 340 -7.51 6.33 3.74
CA PHE B 340 -6.29 6.77 3.11
C PHE B 340 -5.58 5.62 2.41
N GLN B 341 -5.56 4.44 3.04
CA GLN B 341 -5.08 3.23 2.39
C GLN B 341 -5.83 2.97 1.09
N VAL B 342 -7.14 2.78 1.21
CA VAL B 342 -7.96 2.27 0.12
C VAL B 342 -7.75 3.13 -1.12
N ILE B 343 -7.63 4.46 -0.87
CA ILE B 343 -7.52 5.46 -1.90
C ILE B 343 -6.17 5.26 -2.58
N GLY B 344 -5.09 5.41 -1.80
CA GLY B 344 -3.75 5.13 -2.28
C GLY B 344 -3.67 3.81 -3.03
N ASN B 345 -4.36 2.78 -2.53
CA ASN B 345 -4.42 1.48 -3.18
C ASN B 345 -5.11 1.58 -4.54
N ASP B 346 -6.20 2.36 -4.62
CA ASP B 346 -6.87 2.55 -5.89
C ASP B 346 -5.89 3.11 -6.92
N HIS B 347 -4.95 3.99 -6.49
CA HIS B 347 -4.04 4.64 -7.43
C HIS B 347 -3.06 3.60 -7.94
N THR B 348 -2.61 2.72 -7.04
CA THR B 348 -1.77 1.59 -7.40
C THR B 348 -2.51 0.70 -8.38
N ILE B 349 -3.72 0.27 -8.02
CA ILE B 349 -4.53 -0.57 -8.87
C ILE B 349 -4.67 0.08 -10.26
N CYS B 350 -5.02 1.36 -10.29
CA CYS B 350 -5.30 2.03 -11.55
C CYS B 350 -4.04 2.03 -12.41
N LEU B 351 -2.92 2.51 -11.84
CA LEU B 351 -1.64 2.48 -12.52
C LEU B 351 -1.37 1.13 -13.15
N ALA B 352 -1.62 0.07 -12.38
CA ALA B 352 -1.28 -1.29 -12.78
C ALA B 352 -2.20 -1.73 -13.90
N SER B 353 -3.47 -1.36 -13.76
CA SER B 353 -4.49 -1.71 -14.73
C SER B 353 -4.18 -1.09 -16.08
N GLU B 354 -3.63 0.13 -16.05
CA GLU B 354 -3.32 0.89 -17.24
C GLU B 354 -2.09 0.34 -17.96
N ALA B 355 -1.16 -0.24 -17.20
CA ALA B 355 0.14 -0.63 -17.73
C ALA B 355 0.04 -1.82 -18.67
N GLY B 356 -1.15 -2.44 -18.73
CA GLY B 356 -1.39 -3.55 -19.63
C GLY B 356 -0.86 -3.30 -21.05
N GLN B 357 -0.34 -4.35 -21.68
CA GLN B 357 0.23 -4.29 -23.01
C GLN B 357 -0.26 -5.51 -23.81
N LEU B 358 -1.00 -5.22 -24.90
CA LEU B 358 -1.47 -6.21 -25.85
C LEU B 358 -2.25 -7.30 -25.12
N GLU B 359 -1.83 -8.57 -25.20
CA GLU B 359 -2.75 -9.67 -24.88
C GLU B 359 -2.78 -9.96 -23.38
N LEU B 360 -1.87 -9.35 -22.59
CA LEU B 360 -1.79 -9.65 -21.17
C LEU B 360 -1.35 -8.43 -20.36
N ASN B 361 -1.94 -8.29 -19.16
CA ASN B 361 -1.53 -7.35 -18.14
C ASN B 361 -0.67 -8.09 -17.12
N VAL B 362 0.63 -7.75 -17.04
CA VAL B 362 1.58 -8.49 -16.22
C VAL B 362 1.68 -7.91 -14.81
N MET B 363 0.93 -6.82 -14.56
CA MET B 363 0.99 -6.13 -13.29
C MET B 363 -0.16 -6.60 -12.39
N GLU B 364 -0.83 -7.70 -12.78
CA GLU B 364 -2.02 -8.14 -12.07
C GLU B 364 -1.71 -8.34 -10.59
N PRO B 365 -0.50 -8.85 -10.19
CA PRO B 365 -0.22 -9.14 -8.79
C PRO B 365 -0.41 -7.98 -7.80
N VAL B 366 0.42 -6.94 -7.92
CA VAL B 366 0.32 -5.80 -7.01
C VAL B 366 -1.13 -5.32 -7.02
N LEU B 367 -1.74 -5.36 -8.20
CA LEU B 367 -3.13 -4.95 -8.36
C LEU B 367 -4.00 -5.73 -7.38
N VAL B 368 -3.93 -7.06 -7.47
CA VAL B 368 -4.79 -7.96 -6.72
C VAL B 368 -4.45 -7.85 -5.23
N PHE B 369 -3.16 -7.70 -4.94
CA PHE B 369 -2.72 -7.52 -3.57
C PHE B 369 -3.47 -6.34 -2.95
N ASN B 370 -3.44 -5.19 -3.64
CA ASN B 370 -4.10 -4.01 -3.13
C ASN B 370 -5.61 -4.21 -3.12
N LEU B 371 -6.14 -4.83 -4.18
CA LEU B 371 -7.58 -5.00 -4.27
C LEU B 371 -8.08 -5.78 -3.06
N LEU B 372 -7.50 -6.95 -2.85
CA LEU B 372 -7.95 -7.85 -1.81
C LEU B 372 -7.73 -7.19 -0.45
N GLN B 373 -6.57 -6.55 -0.30
CA GLN B 373 -6.25 -5.83 0.92
C GLN B 373 -7.32 -4.80 1.23
N SER B 374 -7.63 -3.96 0.24
CA SER B 374 -8.62 -2.91 0.40
C SER B 374 -9.91 -3.52 0.98
N ILE B 375 -10.40 -4.61 0.37
CA ILE B 375 -11.70 -5.16 0.75
C ILE B 375 -11.64 -5.66 2.20
N SER B 376 -10.55 -6.37 2.53
CA SER B 376 -10.40 -6.95 3.84
C SER B 376 -10.35 -5.85 4.90
N ILE B 377 -9.48 -4.86 4.67
CA ILE B 377 -9.27 -3.80 5.64
C ILE B 377 -10.61 -3.16 6.00
N MET B 378 -11.40 -2.84 4.97
CA MET B 378 -12.68 -2.17 5.16
C MET B 378 -13.62 -3.05 6.00
N ASN B 379 -13.68 -4.35 5.64
CA ASN B 379 -14.57 -5.28 6.33
C ASN B 379 -14.24 -5.29 7.82
N ASN B 380 -12.94 -5.32 8.12
CA ASN B 380 -12.46 -5.32 9.49
C ASN B 380 -12.77 -3.99 10.16
N GLY B 381 -12.36 -2.91 9.52
CA GLY B 381 -12.59 -1.59 10.06
C GLY B 381 -14.07 -1.37 10.40
N PHE B 382 -14.95 -1.81 9.48
CA PHE B 382 -16.37 -1.55 9.62
C PHE B 382 -16.94 -2.38 10.76
N ARG B 383 -16.49 -3.63 10.87
CA ARG B 383 -16.99 -4.51 11.90
C ARG B 383 -16.73 -3.89 13.27
N VAL B 384 -15.47 -3.50 13.51
CA VAL B 384 -15.04 -2.98 14.81
C VAL B 384 -15.71 -1.63 15.06
N PHE B 385 -15.90 -0.86 13.99
CA PHE B 385 -16.41 0.49 14.09
C PHE B 385 -17.92 0.43 14.37
N THR B 386 -18.58 -0.54 13.75
CA THR B 386 -19.99 -0.74 14.02
C THR B 386 -20.16 -1.02 15.51
N GLU B 387 -19.45 -2.02 16.04
CA GLU B 387 -19.68 -2.46 17.42
C GLU B 387 -19.06 -1.50 18.44
N TYR B 388 -17.75 -1.24 18.33
CA TYR B 388 -17.00 -0.59 19.41
C TYR B 388 -17.35 0.89 19.52
N CYS B 389 -17.70 1.57 18.43
CA CYS B 389 -17.99 3.00 18.51
C CYS B 389 -19.46 3.29 18.18
N VAL B 390 -19.86 3.06 16.93
CA VAL B 390 -21.15 3.51 16.42
C VAL B 390 -22.33 3.17 17.34
N LYS B 391 -22.52 1.89 17.66
CA LYS B 391 -23.67 1.48 18.44
C LYS B 391 -23.66 2.16 19.80
N GLY B 392 -22.50 2.55 20.31
CA GLY B 392 -22.39 3.09 21.65
C GLY B 392 -22.45 4.61 21.71
N ILE B 393 -22.66 5.27 20.56
CA ILE B 393 -22.62 6.73 20.55
C ILE B 393 -23.77 7.26 21.40
N GLU B 394 -23.48 8.31 22.21
CA GLU B 394 -24.48 8.89 23.09
C GLU B 394 -24.48 10.41 22.86
N ALA B 395 -25.62 11.07 23.11
CA ALA B 395 -25.75 12.48 22.80
C ALA B 395 -25.71 13.37 24.05
N ASN B 396 -25.30 14.63 23.90
CA ASN B 396 -25.33 15.60 24.99
C ASN B 396 -26.43 16.63 24.74
N GLU B 397 -27.70 16.20 24.72
CA GLU B 397 -28.80 17.06 24.25
C GLU B 397 -28.81 18.43 24.93
N GLU B 398 -28.47 18.47 26.21
CA GLU B 398 -28.49 19.74 26.93
C GLU B 398 -27.44 20.71 26.36
N LYS B 399 -26.31 20.16 25.92
CA LYS B 399 -25.28 20.97 25.29
C LYS B 399 -25.77 21.42 23.91
N MET B 400 -26.46 20.51 23.19
CA MET B 400 -26.94 20.76 21.84
C MET B 400 -28.09 21.76 21.84
N LYS B 401 -29.03 21.64 22.80
CA LYS B 401 -30.12 22.59 22.95
C LYS B 401 -29.58 23.97 23.28
N GLU B 402 -28.58 24.03 24.16
CA GLU B 402 -27.95 25.29 24.55
C GLU B 402 -27.44 26.06 23.33
N TYR B 403 -26.81 25.36 22.38
CA TYR B 403 -26.28 25.98 21.17
C TYR B 403 -27.42 26.65 20.38
N VAL B 404 -28.59 26.00 20.32
CA VAL B 404 -29.73 26.54 19.58
C VAL B 404 -30.14 27.85 20.22
N GLU B 405 -30.31 27.80 21.55
CA GLU B 405 -30.84 28.89 22.34
C GLU B 405 -29.96 30.12 22.27
N LYS B 406 -28.68 29.98 21.88
CA LYS B 406 -27.78 31.12 21.81
C LYS B 406 -27.26 31.26 20.39
N SER B 407 -28.14 31.20 19.38
CA SER B 407 -27.64 31.27 18.02
C SER B 407 -28.40 32.30 17.18
N VAL B 408 -27.65 33.30 16.71
CA VAL B 408 -28.12 34.25 15.71
C VAL B 408 -28.88 33.53 14.60
N GLY B 409 -28.36 32.38 14.17
CA GLY B 409 -28.83 31.66 12.98
C GLY B 409 -30.33 31.37 12.93
N VAL B 410 -31.02 31.43 14.08
CA VAL B 410 -32.45 31.23 14.15
C VAL B 410 -33.20 32.31 13.35
N ILE B 411 -32.50 33.42 13.04
CA ILE B 411 -33.07 34.58 12.37
C ILE B 411 -33.36 34.27 10.89
N THR B 412 -32.88 33.13 10.39
CA THR B 412 -33.21 32.67 9.05
C THR B 412 -34.72 32.37 8.93
N ALA B 413 -35.42 32.26 10.08
CA ALA B 413 -36.84 31.99 10.11
C ALA B 413 -37.69 33.26 10.03
N VAL B 414 -37.12 34.42 10.47
CA VAL B 414 -37.75 35.73 10.45
C VAL B 414 -37.46 36.44 9.13
N ASN B 415 -36.81 35.73 8.20
CA ASN B 415 -36.30 36.30 6.95
C ASN B 415 -37.45 36.60 5.98
N PRO B 416 -38.39 35.66 5.70
CA PRO B 416 -39.54 35.93 4.82
C PRO B 416 -40.59 36.94 5.27
N HIS B 417 -40.51 37.45 6.51
CA HIS B 417 -41.41 38.50 6.98
C HIS B 417 -40.70 39.85 7.04
N ILE B 418 -39.40 39.83 7.32
CA ILE B 418 -38.62 41.04 7.54
C ILE B 418 -37.74 41.36 6.32
N GLY B 419 -37.41 40.34 5.54
CA GLY B 419 -36.54 40.50 4.39
C GLY B 419 -35.07 40.35 4.78
N TYR B 420 -34.27 39.89 3.81
CA TYR B 420 -32.87 39.55 4.05
C TYR B 420 -32.07 40.79 4.46
N GLU B 421 -32.47 41.98 4.01
CA GLU B 421 -31.67 43.19 4.27
C GLU B 421 -31.84 43.66 5.72
N VAL B 422 -33.07 43.62 6.28
CA VAL B 422 -33.35 44.11 7.62
C VAL B 422 -32.83 43.12 8.67
N ALA B 423 -32.76 41.83 8.30
CA ALA B 423 -32.31 40.76 9.17
C ALA B 423 -30.78 40.62 9.15
N SER B 424 -30.15 40.95 8.02
CA SER B 424 -28.70 40.94 7.88
C SER B 424 -28.08 41.97 8.82
N ARG B 425 -28.75 43.10 9.03
CA ARG B 425 -28.25 44.18 9.88
C ARG B 425 -28.46 43.84 11.36
N ILE B 426 -29.61 43.22 11.68
CA ILE B 426 -29.90 42.77 13.04
C ILE B 426 -28.93 41.66 13.46
N ALA B 427 -28.52 40.83 12.48
CA ALA B 427 -27.70 39.66 12.73
C ALA B 427 -26.24 40.04 12.86
N ARG B 428 -25.80 41.05 12.08
CA ARG B 428 -24.45 41.59 12.18
C ARG B 428 -24.28 42.32 13.51
N GLU B 429 -25.37 42.91 14.03
CA GLU B 429 -25.32 43.66 15.28
C GLU B 429 -25.27 42.69 16.47
N ALA B 430 -26.04 41.59 16.36
CA ALA B 430 -26.19 40.60 17.43
C ALA B 430 -24.90 39.81 17.63
N THR B 431 -24.19 39.49 16.53
CA THR B 431 -22.93 38.76 16.60
C THR B 431 -21.90 39.65 17.28
N LEU B 432 -21.79 40.91 16.85
CA LEU B 432 -20.86 41.86 17.45
C LEU B 432 -21.20 42.10 18.93
N THR B 433 -22.40 42.60 19.23
CA THR B 433 -22.75 42.98 20.61
C THR B 433 -22.93 41.75 21.48
N GLY B 434 -23.38 40.64 20.88
CA GLY B 434 -23.57 39.39 21.59
C GLY B 434 -24.92 39.33 22.30
N GLN B 435 -25.92 40.00 21.73
CA GLN B 435 -27.26 40.02 22.32
C GLN B 435 -28.15 39.03 21.59
N SER B 436 -29.24 38.59 22.22
CA SER B 436 -30.15 37.64 21.61
C SER B 436 -30.83 38.32 20.41
N VAL B 437 -31.25 37.50 19.44
CA VAL B 437 -31.93 37.96 18.24
C VAL B 437 -33.30 38.55 18.61
N ARG B 438 -33.94 37.94 19.61
CA ARG B 438 -35.25 38.38 20.06
C ARG B 438 -35.16 39.84 20.52
N ASP B 439 -34.13 40.18 21.31
CA ASP B 439 -34.01 41.49 21.94
C ASP B 439 -33.63 42.56 20.92
N LEU B 440 -32.99 42.15 19.82
CA LEU B 440 -32.67 43.06 18.73
C LEU B 440 -33.83 43.20 17.74
N CYS B 441 -34.80 42.29 17.80
CA CYS B 441 -36.03 42.41 17.03
C CYS B 441 -37.06 43.27 17.74
N ARG B 442 -36.96 43.36 19.09
CA ARG B 442 -37.80 44.22 19.91
C ARG B 442 -37.19 45.61 20.06
N LYS B 443 -35.87 45.73 19.79
CA LYS B 443 -35.20 47.02 19.79
C LYS B 443 -35.58 47.78 18.49
N TYR B 444 -35.52 47.06 17.37
CA TYR B 444 -35.97 47.60 16.10
C TYR B 444 -37.49 47.56 15.98
N ASP B 445 -38.19 46.86 16.90
CA ASP B 445 -39.64 46.69 16.86
C ASP B 445 -40.08 46.21 15.48
N VAL B 446 -39.45 45.15 14.97
CA VAL B 446 -39.59 44.72 13.57
C VAL B 446 -40.56 43.53 13.48
N LEU B 447 -40.70 42.79 14.58
CA LEU B 447 -41.75 41.78 14.77
C LEU B 447 -42.22 41.85 16.22
N SER B 448 -43.49 41.50 16.48
CA SER B 448 -44.02 41.54 17.83
C SER B 448 -43.50 40.33 18.61
N ASP B 449 -43.70 40.36 19.94
CA ASP B 449 -43.22 39.29 20.79
C ASP B 449 -44.01 38.01 20.55
N GLU B 450 -45.30 38.12 20.28
CA GLU B 450 -46.13 36.96 20.01
C GLU B 450 -45.85 36.41 18.62
N GLU B 451 -45.27 37.23 17.72
CA GLU B 451 -44.85 36.79 16.39
C GLU B 451 -43.48 36.12 16.46
N LEU B 452 -42.65 36.51 17.43
CA LEU B 452 -41.32 35.94 17.60
C LEU B 452 -41.42 34.58 18.29
N ASP B 453 -42.32 34.45 19.28
CA ASP B 453 -42.60 33.19 19.96
C ASP B 453 -42.91 32.10 18.92
N LEU B 454 -43.56 32.49 17.81
CA LEU B 454 -43.95 31.57 16.75
C LEU B 454 -42.83 31.42 15.73
N ILE B 455 -42.30 32.56 15.24
CA ILE B 455 -41.42 32.60 14.07
C ILE B 455 -40.02 32.08 14.41
N LEU B 456 -39.49 32.44 15.59
CA LEU B 456 -38.16 32.02 16.03
C LEU B 456 -38.25 30.74 16.89
N ASP B 457 -39.19 29.86 16.56
CA ASP B 457 -39.33 28.56 17.28
C ASP B 457 -38.43 27.52 16.64
N PRO B 458 -37.47 26.93 17.37
CA PRO B 458 -36.48 26.02 16.78
C PRO B 458 -36.95 24.85 15.92
N TYR B 459 -38.14 24.30 16.15
CA TYR B 459 -38.52 23.09 15.42
C TYR B 459 -39.05 23.47 14.03
N GLU B 460 -38.17 24.14 13.28
CA GLU B 460 -38.51 24.53 11.90
C GLU B 460 -37.73 23.58 10.99
N MET B 461 -36.94 22.68 11.58
CA MET B 461 -36.17 21.71 10.78
C MET B 461 -37.15 20.99 9.90
N THR B 462 -38.21 20.45 10.50
CA THR B 462 -39.25 19.79 9.69
C THR B 462 -39.81 20.82 8.74
N HIS B 463 -39.55 20.65 7.44
CA HIS B 463 -40.11 21.58 6.43
C HIS B 463 -40.16 20.87 5.07
#